data_6ILZ
#
_entry.id   6ILZ
#
_cell.length_a   87.870
_cell.length_b   87.630
_cell.length_c   105.181
_cell.angle_alpha   90.000
_cell.angle_beta   114.690
_cell.angle_gamma   90.000
#
_symmetry.space_group_name_H-M   'P 1 21 1'
#
loop_
_entity.id
_entity.type
_entity.pdbx_description
1 polymer 'Protein kinase C iota type'
2 non-polymer 2-amino-5-[3-(piperazin-1-yl)phenyl]-N-(pyridin-4-yl)pyridine-3-carboxamide
#
_entity_poly.entity_id   1
_entity_poly.type   'polypeptide(L)'
_entity_poly.pdbx_seq_one_letter_code
;GAMDPLGLQDFDLLRVIGRGSYAKVLLVRLKKTDRIYAMKVVKKELVNDDEDIDWVQTEKHVFEQASNHPFLVGLHSCFQ
TESRLFFVIEYVNGGDLMFHMQRQRKLPEEHARFYSAEISLALNYLHERGIIYRDLKLDNVLLDSEGHIKLTDYGMCKEG
LRPGDTTS(TPO)FCGTPNYIAPEILRGEDYGFSVDWWALGVLMFEMMAGRSPFDIVGSSDNPDQNTEDYLFQVILEKQI
RIPRSLSVKAASVLKSFLNKDPKERLGCHPQTGFADIQGHPFFRNVDWDMMEQKQVVPPFKPNISGEFGLDNFDSQFTNE
PVQL(TPO)PDDDDIVRKIDQSEFEGFEYINPL
;
_entity_poly.pdbx_strand_id   A,C,E,G
#
# COMPACT_ATOMS: atom_id res chain seq x y z
N PHE A 11 10.84 2.63 15.56
CA PHE A 11 11.45 3.04 14.30
C PHE A 11 10.66 4.17 13.65
N ASP A 12 10.73 4.26 12.32
CA ASP A 12 9.96 5.22 11.55
C ASP A 12 8.88 4.46 10.79
N LEU A 13 7.62 4.79 11.08
CA LEU A 13 6.45 4.03 10.65
C LEU A 13 5.75 4.80 9.54
N LEU A 14 5.68 4.20 8.35
CA LEU A 14 5.28 4.96 7.17
C LEU A 14 3.77 5.02 6.99
N ARG A 15 3.08 3.91 7.23
CA ARG A 15 1.64 3.83 6.97
C ARG A 15 1.09 2.58 7.65
N VAL A 16 -0.23 2.56 7.83
CA VAL A 16 -0.91 1.41 8.42
C VAL A 16 -1.48 0.58 7.29
N ILE A 17 -1.11 -0.70 7.29
CA ILE A 17 -1.45 -1.60 6.20
C ILE A 17 -2.79 -2.27 6.48
N GLY A 18 -2.88 -2.95 7.61
CA GLY A 18 -4.10 -3.63 8.00
C GLY A 18 -4.29 -3.54 9.49
N ARG A 19 -5.54 -3.65 9.91
CA ARG A 19 -5.96 -3.34 11.26
C ARG A 19 -7.06 -4.32 11.66
N GLY A 20 -6.66 -5.57 11.92
CA GLY A 20 -7.57 -6.52 12.51
C GLY A 20 -7.74 -6.28 13.99
N SER A 21 -8.64 -7.06 14.59
CA SER A 21 -8.96 -6.86 16.00
C SER A 21 -7.83 -7.36 16.89
N TYR A 22 -7.15 -8.42 16.46
CA TYR A 22 -6.08 -8.98 17.28
C TYR A 22 -4.78 -8.19 17.10
N ALA A 23 -4.60 -7.60 15.92
CA ALA A 23 -3.28 -7.09 15.57
C ALA A 23 -3.42 -5.98 14.53
N LYS A 24 -2.36 -5.19 14.42
CA LYS A 24 -2.29 -4.06 13.52
C LYS A 24 -1.06 -4.20 12.63
N VAL A 25 -1.25 -4.03 11.33
CA VAL A 25 -0.18 -4.21 10.36
C VAL A 25 0.19 -2.85 9.81
N LEU A 26 1.46 -2.48 9.94
CA LEU A 26 1.89 -1.14 9.53
C LEU A 26 3.27 -1.18 8.90
N LEU A 27 3.49 -0.27 7.95
CA LEU A 27 4.69 -0.26 7.13
C LEU A 27 5.80 0.50 7.86
N VAL A 28 7.03 -0.02 7.78
CA VAL A 28 8.14 0.55 8.54
C VAL A 28 9.40 0.59 7.68
N ARG A 29 10.36 1.38 8.15
CA ARG A 29 11.73 1.34 7.68
C ARG A 29 12.65 1.53 8.87
N LEU A 30 13.93 1.29 8.65
CA LEU A 30 14.91 1.43 9.71
C LEU A 30 16.15 2.16 9.20
N ASP A 34 18.16 -0.17 6.04
CA ASP A 34 17.54 0.88 5.25
C ASP A 34 16.55 0.30 4.26
N ARG A 35 15.92 -0.82 4.65
CA ARG A 35 15.02 -1.57 3.79
C ARG A 35 13.59 -1.42 4.31
N ILE A 36 12.62 -1.51 3.41
CA ILE A 36 11.22 -1.45 3.80
C ILE A 36 10.79 -2.79 4.37
N TYR A 37 10.04 -2.76 5.47
CA TYR A 37 9.56 -3.97 6.12
C TYR A 37 8.11 -3.78 6.53
N ALA A 38 7.44 -4.90 6.78
CA ALA A 38 6.05 -4.91 7.22
C ALA A 38 5.99 -5.46 8.64
N MET A 39 5.21 -4.81 9.49
CA MET A 39 5.22 -5.10 10.91
C MET A 39 3.83 -5.44 11.42
N LYS A 40 3.71 -6.60 12.05
CA LYS A 40 2.49 -7.01 12.71
C LYS A 40 2.70 -6.92 14.22
N VAL A 41 1.89 -6.09 14.86
CA VAL A 41 2.03 -5.77 16.28
C VAL A 41 0.81 -6.33 16.99
N VAL A 42 1.06 -7.25 17.92
CA VAL A 42 0.00 -7.86 18.72
C VAL A 42 0.13 -7.32 20.14
N LYS A 43 -0.96 -6.75 20.66
CA LYS A 43 -0.95 -6.30 22.04
C LYS A 43 -0.83 -7.52 22.95
N LYS A 44 -0.17 -7.31 24.10
CA LYS A 44 0.20 -8.44 24.94
C LYS A 44 -0.95 -8.93 25.80
N GLU A 45 -1.92 -8.06 26.08
CA GLU A 45 -3.06 -8.44 26.92
C GLU A 45 -3.85 -9.57 26.29
N LEU A 46 -3.93 -9.60 24.97
CA LEU A 46 -4.69 -10.63 24.27
C LEU A 46 -4.06 -12.01 24.48
N VAL A 47 -2.73 -12.09 24.36
CA VAL A 47 -2.07 -13.38 24.27
C VAL A 47 -1.68 -13.89 25.66
N ASN A 48 -1.45 -12.99 26.59
CA ASN A 48 -1.05 -13.37 27.94
C ASN A 48 -2.31 -13.69 28.75
N ASP A 49 -2.65 -14.97 28.83
CA ASP A 49 -3.76 -15.36 29.68
C ASP A 49 -3.65 -16.86 29.92
N ASP A 50 -4.77 -17.47 30.27
CA ASP A 50 -4.81 -18.92 30.47
C ASP A 50 -4.99 -19.57 29.11
N GLU A 51 -3.99 -20.36 28.71
CA GLU A 51 -3.99 -21.03 27.41
C GLU A 51 -4.31 -20.03 26.29
N ASP A 52 -3.62 -18.90 26.32
CA ASP A 52 -3.77 -17.93 25.25
C ASP A 52 -2.40 -17.67 24.63
N ILE A 53 -1.35 -17.88 25.43
CA ILE A 53 0.05 -17.74 25.01
C ILE A 53 0.33 -18.57 23.76
N ASP A 54 -0.61 -19.42 23.36
CA ASP A 54 -0.30 -20.39 22.31
C ASP A 54 -0.26 -19.74 20.93
N TRP A 55 -0.96 -18.63 20.73
CA TRP A 55 -1.08 -18.07 19.37
C TRP A 55 0.19 -17.36 18.94
N VAL A 56 0.78 -16.57 19.83
CA VAL A 56 2.05 -15.92 19.55
C VAL A 56 3.15 -16.97 19.36
N GLN A 57 3.21 -17.92 20.29
CA GLN A 57 4.19 -19.00 20.20
C GLN A 57 4.01 -19.82 18.94
N THR A 58 2.76 -20.17 18.63
CA THR A 58 2.48 -20.98 17.45
C THR A 58 2.95 -20.29 16.18
N GLU A 59 2.59 -19.01 16.01
CA GLU A 59 2.95 -18.30 14.79
C GLU A 59 4.46 -18.20 14.63
N LYS A 60 5.18 -18.04 15.74
CA LYS A 60 6.64 -17.99 15.66
C LYS A 60 7.19 -19.30 15.11
N HIS A 61 6.63 -20.42 15.55
CA HIS A 61 7.14 -21.71 15.11
C HIS A 61 6.89 -21.90 13.62
N VAL A 62 5.68 -21.59 13.17
CA VAL A 62 5.39 -21.59 11.74
C VAL A 62 6.37 -20.69 11.00
N PHE A 63 6.44 -19.43 11.42
CA PHE A 63 7.34 -18.45 10.82
C PHE A 63 8.77 -18.97 10.77
N GLU A 64 9.20 -19.68 11.80
CA GLU A 64 10.53 -20.27 11.78
C GLU A 64 10.60 -21.37 10.74
N GLN A 65 9.58 -22.23 10.69
CA GLN A 65 9.59 -23.34 9.75
C GLN A 65 9.22 -22.88 8.35
N ALA A 66 8.47 -21.77 8.25
CA ALA A 66 7.94 -21.33 6.97
C ALA A 66 8.87 -20.33 6.27
N SER A 67 9.83 -19.76 7.01
CA SER A 67 10.68 -18.72 6.42
C SER A 67 11.65 -19.30 5.39
N ASN A 68 12.06 -20.56 5.57
CA ASN A 68 12.93 -21.19 4.59
C ASN A 68 12.19 -21.47 3.30
N HIS A 69 10.95 -21.90 3.40
CA HIS A 69 10.16 -22.20 2.21
C HIS A 69 10.06 -20.96 1.33
N PRO A 70 9.97 -21.12 0.01
CA PRO A 70 9.86 -19.93 -0.87
C PRO A 70 8.52 -19.22 -0.75
N PHE A 71 7.41 -19.97 -0.72
CA PHE A 71 6.11 -19.37 -0.89
C PHE A 71 5.64 -18.72 0.41
N LEU A 72 5.82 -19.40 1.52
CA LEU A 72 5.41 -18.83 2.79
C LEU A 72 6.35 -17.71 3.20
N VAL A 73 5.76 -16.64 3.73
CA VAL A 73 6.51 -15.43 3.99
C VAL A 73 7.47 -15.61 5.16
N GLY A 74 8.62 -14.94 5.08
CA GLY A 74 9.67 -15.07 6.05
C GLY A 74 9.84 -13.81 6.88
N LEU A 75 10.49 -13.97 8.03
CA LEU A 75 10.44 -13.00 9.12
C LEU A 75 11.85 -12.51 9.41
N HIS A 76 12.09 -11.21 9.25
CA HIS A 76 13.42 -10.67 9.54
C HIS A 76 13.71 -10.71 11.03
N SER A 77 12.94 -9.96 11.83
CA SER A 77 13.26 -9.84 13.23
C SER A 77 11.98 -9.75 14.05
N CYS A 78 12.13 -10.00 15.34
CA CYS A 78 11.06 -9.88 16.31
C CYS A 78 11.62 -9.15 17.51
N PHE A 79 10.83 -8.24 18.06
CA PHE A 79 11.24 -7.53 19.25
C PHE A 79 10.07 -7.43 20.19
N GLN A 80 10.40 -7.09 21.42
CA GLN A 80 9.44 -7.09 22.50
C GLN A 80 9.45 -5.73 23.15
N THR A 81 8.26 -5.20 23.38
CA THR A 81 8.10 -4.11 24.32
C THR A 81 7.08 -4.57 25.35
N GLU A 82 7.03 -3.87 26.48
CA GLU A 82 6.17 -4.31 27.57
C GLU A 82 4.71 -4.30 27.12
N SER A 83 4.34 -3.35 26.27
CA SER A 83 2.94 -3.14 25.93
C SER A 83 2.50 -3.99 24.75
N ARG A 84 3.42 -4.31 23.84
CA ARG A 84 3.08 -5.06 22.66
C ARG A 84 4.24 -5.94 22.22
N LEU A 85 3.92 -6.89 21.35
CA LEU A 85 4.88 -7.77 20.70
C LEU A 85 4.91 -7.40 19.22
N PHE A 86 6.11 -7.26 18.68
CA PHE A 86 6.31 -6.76 17.34
C PHE A 86 6.93 -7.84 16.46
N PHE A 87 6.37 -8.01 15.25
CA PHE A 87 6.90 -8.90 14.24
C PHE A 87 7.25 -8.09 13.01
N VAL A 88 8.45 -8.30 12.47
CA VAL A 88 8.91 -7.61 11.28
C VAL A 88 8.99 -8.61 10.15
N ILE A 89 8.19 -8.40 9.12
CA ILE A 89 8.09 -9.36 8.04
C ILE A 89 8.44 -8.67 6.73
N GLU A 90 9.01 -9.46 5.82
CA GLU A 90 9.45 -8.92 4.55
C GLU A 90 8.29 -8.28 3.80
N TYR A 91 8.59 -7.15 3.16
CA TYR A 91 7.60 -6.45 2.38
C TYR A 91 7.54 -7.04 0.97
N VAL A 92 6.34 -7.40 0.53
CA VAL A 92 6.10 -7.95 -0.78
C VAL A 92 5.44 -6.85 -1.61
N ASN A 93 5.91 -6.66 -2.84
CA ASN A 93 5.55 -5.46 -3.61
C ASN A 93 4.36 -5.70 -4.53
N GLY A 94 4.10 -6.95 -4.94
CA GLY A 94 3.25 -7.20 -6.08
C GLY A 94 1.79 -6.89 -5.85
N GLY A 95 1.16 -7.60 -4.92
CA GLY A 95 -0.24 -7.32 -4.67
C GLY A 95 -0.97 -8.53 -4.11
N ASP A 96 -2.16 -8.27 -3.60
CA ASP A 96 -3.02 -9.35 -3.14
C ASP A 96 -3.94 -9.78 -4.27
N LEU A 97 -4.45 -11.01 -4.15
CA LEU A 97 -5.29 -11.54 -5.22
C LEU A 97 -6.62 -10.80 -5.28
N MET A 98 -7.13 -10.36 -4.13
CA MET A 98 -8.44 -9.71 -4.12
C MET A 98 -8.45 -8.49 -5.03
N PHE A 99 -7.36 -7.71 -5.03
CA PHE A 99 -7.27 -6.59 -5.95
C PHE A 99 -7.14 -7.08 -7.39
N HIS A 100 -6.33 -8.11 -7.60
CA HIS A 100 -6.23 -8.70 -8.93
C HIS A 100 -7.59 -9.13 -9.44
N MET A 101 -8.40 -9.73 -8.56
CA MET A 101 -9.67 -10.30 -8.99
C MET A 101 -10.66 -9.20 -9.39
N GLN A 102 -10.51 -8.01 -8.83
CA GLN A 102 -11.38 -6.91 -9.25
C GLN A 102 -10.84 -6.22 -10.49
N ARG A 103 -9.52 -6.18 -10.64
CA ARG A 103 -8.94 -5.66 -11.88
C ARG A 103 -9.35 -6.53 -13.05
N GLN A 104 -9.28 -7.85 -12.86
CA GLN A 104 -9.69 -8.82 -13.86
C GLN A 104 -10.71 -9.72 -13.18
N ARG A 105 -11.96 -9.63 -13.62
CA ARG A 105 -13.03 -10.36 -12.94
C ARG A 105 -12.70 -11.84 -12.84
N LYS A 106 -12.25 -12.44 -13.93
CA LYS A 106 -11.93 -13.86 -13.94
C LYS A 106 -10.58 -14.07 -14.59
N LEU A 107 -9.84 -15.07 -14.09
CA LEU A 107 -8.50 -15.40 -14.55
C LEU A 107 -8.53 -16.68 -15.36
N PRO A 108 -7.66 -16.81 -16.37
CA PRO A 108 -7.60 -18.04 -17.16
C PRO A 108 -7.22 -19.22 -16.29
N GLU A 109 -7.53 -20.42 -16.80
CA GLU A 109 -7.20 -21.64 -16.07
C GLU A 109 -5.69 -21.78 -15.91
N GLU A 110 -4.92 -21.24 -16.86
CA GLU A 110 -3.48 -21.37 -16.80
C GLU A 110 -2.91 -20.54 -15.65
N HIS A 111 -3.45 -19.34 -15.47
CA HIS A 111 -3.02 -18.51 -14.35
C HIS A 111 -3.35 -19.17 -13.02
N ALA A 112 -4.54 -19.76 -12.92
CA ALA A 112 -4.94 -20.42 -11.68
C ALA A 112 -4.04 -21.60 -11.38
N ARG A 113 -3.58 -22.31 -12.42
CA ARG A 113 -2.72 -23.46 -12.19
C ARG A 113 -1.39 -23.03 -11.60
N PHE A 114 -0.84 -21.92 -12.08
CA PHE A 114 0.38 -21.41 -11.48
C PHE A 114 0.18 -21.16 -9.99
N TYR A 115 -0.78 -20.30 -9.65
CA TYR A 115 -1.01 -19.91 -8.25
C TYR A 115 -1.39 -21.12 -7.41
N SER A 116 -2.43 -21.85 -7.84
CA SER A 116 -2.94 -22.95 -7.03
C SER A 116 -1.89 -24.03 -6.82
N ALA A 117 -1.07 -24.28 -7.84
CA ALA A 117 -0.01 -25.27 -7.70
C ALA A 117 0.98 -24.86 -6.62
N GLU A 118 1.43 -23.60 -6.67
CA GLU A 118 2.34 -23.12 -5.63
C GLU A 118 1.70 -23.16 -4.26
N ILE A 119 0.41 -22.86 -4.18
CA ILE A 119 -0.24 -22.86 -2.87
C ILE A 119 -0.30 -24.26 -2.29
N SER A 120 -0.56 -25.26 -3.15
CA SER A 120 -0.61 -26.63 -2.67
C SER A 120 0.74 -27.07 -2.13
N LEU A 121 1.82 -26.62 -2.76
CA LEU A 121 3.15 -26.87 -2.24
C LEU A 121 3.31 -26.23 -0.86
N ALA A 122 2.81 -25.00 -0.71
CA ALA A 122 2.96 -24.30 0.56
C ALA A 122 2.24 -25.03 1.68
N LEU A 123 1.01 -25.47 1.41
CA LEU A 123 0.23 -26.19 2.41
C LEU A 123 0.86 -27.52 2.75
N ASN A 124 1.41 -28.21 1.76
CA ASN A 124 2.02 -29.51 2.04
C ASN A 124 3.22 -29.36 2.97
N TYR A 125 4.02 -28.33 2.75
CA TYR A 125 5.15 -28.06 3.65
C TYR A 125 4.68 -28.01 5.09
N LEU A 126 3.62 -27.24 5.34
CA LEU A 126 3.03 -27.17 6.67
C LEU A 126 2.46 -28.51 7.09
N HIS A 127 1.74 -29.18 6.17
CA HIS A 127 1.18 -30.49 6.49
C HIS A 127 2.27 -31.44 6.93
N GLU A 128 3.38 -31.51 6.18
CA GLU A 128 4.56 -32.24 6.62
C GLU A 128 5.05 -31.74 7.98
N ARG A 129 4.94 -30.44 8.21
CA ARG A 129 5.43 -29.87 9.46
C ARG A 129 4.40 -30.01 10.57
N GLY A 130 3.12 -30.03 10.22
CA GLY A 130 2.06 -30.19 11.19
C GLY A 130 1.15 -29.01 11.40
N ILE A 131 1.12 -28.07 10.45
CA ILE A 131 0.48 -26.77 10.66
C ILE A 131 -0.67 -26.63 9.68
N ILE A 132 -1.81 -26.13 10.17
CA ILE A 132 -2.99 -25.92 9.34
C ILE A 132 -3.22 -24.43 9.19
N TYR A 133 -2.99 -23.91 7.98
CA TYR A 133 -3.12 -22.48 7.75
C TYR A 133 -4.50 -21.97 8.19
N ARG A 134 -5.57 -22.55 7.66
CA ARG A 134 -6.95 -22.28 8.05
C ARG A 134 -7.39 -20.84 7.81
N ASP A 135 -6.48 -19.93 7.48
CA ASP A 135 -6.85 -18.58 7.09
C ASP A 135 -6.63 -18.34 5.61
N LEU A 136 -6.78 -19.38 4.79
CA LEU A 136 -6.50 -19.26 3.37
C LEU A 136 -7.59 -18.43 2.70
N LYS A 137 -7.18 -17.34 2.07
CA LYS A 137 -8.08 -16.35 1.49
C LYS A 137 -7.37 -15.69 0.34
N LEU A 138 -8.14 -14.99 -0.50
CA LEU A 138 -7.53 -14.26 -1.61
C LEU A 138 -6.64 -13.13 -1.09
N ASP A 139 -6.94 -12.60 0.10
CA ASP A 139 -6.16 -11.50 0.65
C ASP A 139 -4.89 -12.01 1.33
N ASN A 140 -4.96 -13.22 1.91
CA ASN A 140 -3.83 -13.74 2.67
C ASN A 140 -2.71 -14.21 1.76
N VAL A 141 -3.05 -14.52 0.50
CA VAL A 141 -2.01 -14.76 -0.48
C VAL A 141 -1.45 -13.41 -0.91
N LEU A 142 -0.17 -13.41 -1.31
CA LEU A 142 0.53 -12.18 -1.63
C LEU A 142 1.37 -12.42 -2.87
N LEU A 143 1.54 -11.37 -3.67
CA LEU A 143 2.28 -11.47 -4.92
C LEU A 143 3.55 -10.65 -4.80
N ASP A 144 4.68 -11.22 -5.24
CA ASP A 144 5.88 -10.42 -5.30
C ASP A 144 5.94 -9.70 -6.64
N SER A 145 6.93 -8.81 -6.79
CA SER A 145 7.09 -8.10 -8.06
C SER A 145 7.32 -9.06 -9.19
N GLU A 146 7.72 -10.29 -8.87
CA GLU A 146 8.05 -11.23 -9.92
C GLU A 146 6.86 -12.06 -10.34
N GLY A 147 5.77 -12.08 -9.57
CA GLY A 147 4.60 -12.83 -9.99
C GLY A 147 4.42 -14.16 -9.28
N HIS A 148 5.19 -14.42 -8.23
CA HIS A 148 4.94 -15.60 -7.44
C HIS A 148 3.98 -15.26 -6.31
N ILE A 149 3.69 -16.26 -5.48
CA ILE A 149 2.69 -16.10 -4.44
C ILE A 149 3.35 -16.30 -3.08
N LYS A 150 2.79 -15.60 -2.08
CA LYS A 150 3.20 -15.74 -0.70
C LYS A 150 1.96 -15.65 0.18
N LEU A 151 1.97 -16.43 1.27
CA LEU A 151 0.83 -16.50 2.19
C LEU A 151 1.19 -15.76 3.48
N THR A 152 0.25 -14.96 4.00
CA THR A 152 0.64 -13.80 4.79
C THR A 152 0.49 -14.05 6.29
N ASP A 153 -0.65 -14.54 6.76
CA ASP A 153 -1.04 -14.37 8.16
C ASP A 153 -1.09 -15.74 8.84
N TYR A 154 0.05 -16.16 9.39
CA TYR A 154 0.19 -17.44 10.09
C TYR A 154 -0.51 -17.43 11.44
N GLY A 155 -1.60 -16.66 11.57
CA GLY A 155 -2.13 -16.36 12.88
C GLY A 155 -3.11 -17.41 13.36
N MET A 156 -4.02 -17.84 12.49
CA MET A 156 -5.01 -18.84 12.83
C MET A 156 -4.49 -20.26 12.68
N CYS A 157 -3.19 -20.41 12.42
CA CYS A 157 -2.62 -21.73 12.22
C CYS A 157 -2.67 -22.54 13.50
N LYS A 158 -2.59 -23.86 13.33
CA LYS A 158 -2.53 -24.82 14.44
C LYS A 158 -1.40 -25.79 14.15
N GLU A 159 -0.48 -25.94 15.09
CA GLU A 159 0.73 -26.70 14.82
C GLU A 159 0.97 -27.76 15.89
N GLY A 160 1.94 -28.64 15.61
CA GLY A 160 2.49 -29.53 16.60
C GLY A 160 1.88 -30.91 16.66
N LEU A 161 0.89 -31.19 15.81
CA LEU A 161 0.20 -32.48 15.83
C LEU A 161 -0.24 -32.76 14.40
N ARG A 162 0.32 -33.80 13.80
CA ARG A 162 0.02 -33.97 12.38
C ARG A 162 -0.22 -35.44 12.03
N PRO A 163 0.74 -36.33 12.28
CA PRO A 163 0.54 -37.73 11.90
C PRO A 163 -0.37 -38.41 12.93
N GLY A 164 -1.42 -39.06 12.44
CA GLY A 164 -2.32 -39.76 13.32
C GLY A 164 -2.99 -38.89 14.36
N ASP A 165 -3.22 -37.62 14.05
CA ASP A 165 -3.78 -36.66 15.00
C ASP A 165 -4.85 -35.84 14.30
N THR A 166 -6.07 -35.89 14.81
CA THR A 166 -7.16 -35.05 14.33
C THR A 166 -7.63 -34.21 15.52
N THR A 167 -7.63 -32.90 15.36
CA THR A 167 -7.94 -32.02 16.46
C THR A 167 -8.91 -30.94 16.02
N SER A 168 -9.70 -30.48 16.99
CA SER A 168 -10.75 -29.50 16.76
C SER A 168 -10.41 -28.20 17.46
N PHE A 170 -11.53 -25.36 15.89
CA PHE A 170 -12.72 -24.64 15.46
C PHE A 170 -12.42 -23.20 15.08
N CYS A 171 -11.51 -23.05 14.12
CA CYS A 171 -11.26 -21.78 13.48
C CYS A 171 -11.51 -21.97 11.99
N GLY A 172 -12.05 -20.92 11.36
CA GLY A 172 -12.19 -20.87 9.93
C GLY A 172 -12.76 -19.53 9.56
N THR A 173 -12.77 -19.25 8.25
CA THR A 173 -13.48 -18.10 7.74
C THR A 173 -14.84 -18.54 7.21
N PRO A 174 -15.94 -17.78 7.40
CA PRO A 174 -17.26 -18.32 7.02
C PRO A 174 -17.36 -18.76 5.56
N ASN A 175 -16.79 -18.00 4.63
CA ASN A 175 -16.84 -18.42 3.23
C ASN A 175 -15.91 -19.60 2.98
N TYR A 176 -14.69 -19.55 3.49
CA TYR A 176 -13.72 -20.60 3.25
C TYR A 176 -13.81 -21.74 4.26
N ILE A 177 -14.81 -21.72 5.14
CA ILE A 177 -14.86 -22.70 6.22
C ILE A 177 -15.05 -24.09 5.66
N ALA A 178 -14.37 -25.04 6.27
CA ALA A 178 -14.54 -26.43 5.89
C ALA A 178 -15.92 -26.92 6.33
N PRO A 179 -16.59 -27.71 5.49
CA PRO A 179 -17.89 -28.25 5.91
C PRO A 179 -17.79 -29.17 7.12
N GLU A 180 -16.73 -29.97 7.21
CA GLU A 180 -16.58 -30.88 8.35
C GLU A 180 -16.44 -30.09 9.65
N ILE A 181 -15.89 -28.87 9.56
CA ILE A 181 -15.69 -28.08 10.77
C ILE A 181 -17.01 -27.50 11.25
N LEU A 182 -17.83 -26.99 10.31
CA LEU A 182 -19.14 -26.47 10.66
C LEU A 182 -19.93 -27.48 11.48
N ARG A 183 -19.78 -28.76 11.13
CA ARG A 183 -20.54 -29.82 11.78
C ARG A 183 -20.18 -30.01 13.24
N GLY A 184 -19.06 -29.45 13.68
CA GLY A 184 -18.53 -29.80 14.98
C GLY A 184 -17.67 -31.04 14.97
N GLU A 185 -17.35 -31.56 13.79
CA GLU A 185 -16.53 -32.74 13.72
C GLU A 185 -15.05 -32.40 13.86
N ASP A 186 -14.27 -33.42 14.22
CA ASP A 186 -12.83 -33.33 14.27
C ASP A 186 -12.28 -32.97 12.90
N TYR A 187 -11.37 -32.01 12.88
CA TYR A 187 -10.85 -31.44 11.64
C TYR A 187 -9.41 -31.87 11.45
N GLY A 188 -9.13 -32.46 10.30
CA GLY A 188 -7.77 -32.69 9.85
C GLY A 188 -7.27 -31.54 9.01
N PHE A 189 -6.24 -31.82 8.20
CA PHE A 189 -5.78 -30.84 7.23
C PHE A 189 -6.69 -30.74 6.04
N SER A 190 -7.86 -31.36 6.13
CA SER A 190 -8.79 -31.38 5.01
C SER A 190 -9.41 -30.01 4.78
N VAL A 191 -9.48 -29.20 5.84
CA VAL A 191 -10.06 -27.88 5.72
C VAL A 191 -9.24 -27.04 4.75
N ASP A 192 -7.91 -27.15 4.83
CA ASP A 192 -7.04 -26.32 4.02
C ASP A 192 -7.23 -26.56 2.54
N TRP A 193 -7.43 -27.82 2.15
CA TRP A 193 -7.58 -28.10 0.73
C TRP A 193 -8.90 -27.57 0.21
N TRP A 194 -9.98 -27.71 0.99
CA TRP A 194 -11.26 -27.09 0.64
C TRP A 194 -11.09 -25.60 0.37
N ALA A 195 -10.30 -24.92 1.20
CA ALA A 195 -10.04 -23.49 1.00
C ALA A 195 -9.35 -23.25 -0.34
N LEU A 196 -8.49 -24.17 -0.76
CA LEU A 196 -7.88 -24.05 -2.07
C LEU A 196 -8.93 -24.02 -3.17
N GLY A 197 -9.86 -24.97 -3.13
CA GLY A 197 -10.85 -25.07 -4.18
C GLY A 197 -11.74 -23.84 -4.24
N VAL A 198 -12.02 -23.22 -3.09
CA VAL A 198 -12.76 -21.98 -3.11
C VAL A 198 -11.93 -20.89 -3.77
N LEU A 199 -10.64 -20.83 -3.44
CA LEU A 199 -9.74 -19.90 -4.09
C LEU A 199 -9.71 -20.13 -5.59
N MET A 200 -9.44 -21.38 -6.00
CA MET A 200 -9.40 -21.69 -7.43
C MET A 200 -10.74 -21.38 -8.09
N PHE A 201 -11.83 -21.74 -7.43
CA PHE A 201 -13.16 -21.43 -7.95
C PHE A 201 -13.28 -19.95 -8.28
N GLU A 202 -12.99 -19.09 -7.30
CA GLU A 202 -13.24 -17.67 -7.46
C GLU A 202 -12.43 -17.09 -8.61
N MET A 203 -11.17 -17.52 -8.76
CA MET A 203 -10.33 -16.96 -9.79
C MET A 203 -10.79 -17.38 -11.18
N MET A 204 -11.22 -18.63 -11.31
CA MET A 204 -11.58 -19.15 -12.63
C MET A 204 -13.01 -18.76 -12.99
N ALA A 205 -13.90 -18.75 -12.00
CA ALA A 205 -15.30 -18.45 -12.25
C ALA A 205 -15.58 -16.96 -12.10
N GLY A 206 -14.85 -16.29 -11.22
CA GLY A 206 -15.09 -14.88 -10.98
C GLY A 206 -16.08 -14.62 -9.88
N ARG A 207 -16.44 -15.63 -9.10
CA ARG A 207 -17.46 -15.51 -8.09
C ARG A 207 -17.23 -16.59 -7.05
N SER A 208 -17.65 -16.29 -5.83
CA SER A 208 -17.63 -17.30 -4.80
C SER A 208 -18.52 -18.47 -5.24
N PRO A 209 -18.18 -19.70 -4.85
CA PRO A 209 -19.05 -20.84 -5.14
C PRO A 209 -20.37 -20.80 -4.41
N PHE A 210 -20.50 -19.90 -3.43
CA PHE A 210 -21.69 -19.82 -2.61
C PHE A 210 -22.65 -18.74 -3.10
N ASP A 211 -22.60 -18.46 -4.42
CA ASP A 211 -23.47 -17.48 -5.07
C ASP A 211 -23.26 -16.08 -4.50
N ILE A 212 -22.08 -15.86 -3.91
CA ILE A 212 -21.72 -14.56 -3.36
C ILE A 212 -20.81 -13.82 -4.33
N GLU A 224 -25.72 -14.28 6.82
CA GLU A 224 -24.75 -14.36 7.91
C GLU A 224 -24.52 -15.81 8.25
N ASP A 225 -25.23 -16.32 9.25
CA ASP A 225 -25.17 -17.74 9.58
C ASP A 225 -25.74 -18.61 8.46
N TYR A 226 -26.26 -18.01 7.38
CA TYR A 226 -26.87 -18.78 6.31
C TYR A 226 -25.82 -19.51 5.48
N LEU A 227 -24.60 -18.94 5.38
CA LEU A 227 -23.55 -19.58 4.60
C LEU A 227 -23.27 -20.99 5.10
N PHE A 228 -23.16 -21.16 6.41
CA PHE A 228 -22.89 -22.49 6.96
C PHE A 228 -23.89 -23.51 6.45
N GLN A 229 -25.14 -23.12 6.31
CA GLN A 229 -26.17 -24.05 5.83
C GLN A 229 -26.01 -24.32 4.34
N VAL A 230 -25.80 -23.27 3.54
CA VAL A 230 -25.61 -23.44 2.11
C VAL A 230 -24.47 -24.42 1.84
N ILE A 231 -23.30 -24.15 2.43
CA ILE A 231 -22.11 -24.97 2.20
C ILE A 231 -22.40 -26.44 2.48
N LEU A 232 -23.17 -26.71 3.55
CA LEU A 232 -23.38 -28.09 3.97
C LEU A 232 -24.49 -28.76 3.17
N GLU A 233 -25.50 -28.00 2.73
CA GLU A 233 -26.69 -28.61 2.15
C GLU A 233 -27.06 -28.05 0.78
N LYS A 234 -26.24 -27.19 0.17
CA LYS A 234 -26.53 -26.64 -1.15
C LYS A 234 -25.50 -27.13 -2.15
N GLN A 235 -25.93 -27.34 -3.39
CA GLN A 235 -25.03 -27.81 -4.43
C GLN A 235 -24.11 -26.69 -4.89
N ILE A 236 -22.94 -27.09 -5.38
CA ILE A 236 -21.98 -26.17 -5.96
C ILE A 236 -22.14 -26.21 -7.47
N ARG A 237 -22.24 -25.04 -8.08
CA ARG A 237 -22.48 -24.93 -9.52
C ARG A 237 -21.22 -24.45 -10.21
N ILE A 238 -20.64 -25.33 -11.03
CA ILE A 238 -19.46 -25.01 -11.81
C ILE A 238 -19.92 -24.30 -13.08
N PRO A 239 -19.37 -23.13 -13.40
CA PRO A 239 -19.74 -22.46 -14.65
C PRO A 239 -19.60 -23.41 -15.84
N ARG A 240 -20.56 -23.29 -16.76
CA ARG A 240 -20.47 -24.08 -17.99
C ARG A 240 -19.21 -23.75 -18.78
N SER A 241 -18.65 -22.55 -18.57
CA SER A 241 -17.47 -22.16 -19.33
C SER A 241 -16.23 -22.89 -18.85
N LEU A 242 -16.32 -23.57 -17.71
CA LEU A 242 -15.12 -24.12 -17.10
C LEU A 242 -14.74 -25.45 -17.73
N SER A 243 -13.42 -25.65 -17.87
CA SER A 243 -12.88 -26.87 -18.44
C SER A 243 -13.20 -28.06 -17.55
N VAL A 244 -13.34 -29.22 -18.20
CA VAL A 244 -13.80 -30.41 -17.48
C VAL A 244 -12.79 -30.81 -16.42
N LYS A 245 -11.49 -30.65 -16.70
CA LYS A 245 -10.48 -30.86 -15.67
C LYS A 245 -10.74 -29.93 -14.48
N ALA A 246 -11.07 -28.67 -14.77
CA ALA A 246 -11.31 -27.70 -13.71
C ALA A 246 -12.48 -28.13 -12.85
N ALA A 247 -13.56 -28.60 -13.46
CA ALA A 247 -14.72 -29.02 -12.68
C ALA A 247 -14.33 -30.13 -11.69
N SER A 248 -13.42 -31.01 -12.10
CA SER A 248 -13.13 -32.19 -11.29
C SER A 248 -12.27 -31.83 -10.08
N VAL A 249 -11.27 -30.97 -10.26
CA VAL A 249 -10.48 -30.54 -9.12
C VAL A 249 -11.38 -29.80 -8.13
N LEU A 250 -12.20 -28.87 -8.64
CA LEU A 250 -13.17 -28.21 -7.79
C LEU A 250 -14.04 -29.24 -7.08
N LYS A 251 -14.62 -30.18 -7.83
CA LYS A 251 -15.50 -31.17 -7.22
C LYS A 251 -14.75 -31.99 -6.17
N SER A 252 -13.53 -32.44 -6.50
CA SER A 252 -12.78 -33.26 -5.57
C SER A 252 -12.21 -32.45 -4.41
N PHE A 253 -11.75 -31.23 -4.70
CA PHE A 253 -11.23 -30.38 -3.63
C PHE A 253 -12.36 -29.82 -2.78
N LEU A 254 -13.36 -29.22 -3.42
CA LEU A 254 -14.62 -28.88 -2.75
C LEU A 254 -15.52 -30.11 -2.68
N ASN A 255 -15.04 -31.14 -2.02
CA ASN A 255 -15.90 -32.26 -1.70
C ASN A 255 -16.20 -32.22 -0.23
N LYS A 256 -17.44 -32.57 0.13
CA LYS A 256 -17.90 -32.40 1.50
C LYS A 256 -17.26 -33.45 2.41
N ASP A 257 -16.90 -34.58 1.85
CA ASP A 257 -16.40 -35.69 2.64
C ASP A 257 -14.90 -35.54 2.86
N PRO A 258 -14.42 -35.46 4.10
CA PRO A 258 -12.96 -35.33 4.30
C PRO A 258 -12.18 -36.55 3.85
N LYS A 259 -12.77 -37.75 3.93
CA LYS A 259 -12.06 -38.95 3.51
C LYS A 259 -12.02 -39.05 1.99
N GLU A 260 -13.09 -38.61 1.34
CA GLU A 260 -13.15 -38.61 -0.12
C GLU A 260 -12.37 -37.46 -0.73
N ARG A 261 -12.21 -36.37 0.03
CA ARG A 261 -11.67 -35.14 -0.53
C ARG A 261 -10.24 -35.33 -1.01
N LEU A 262 -9.90 -34.61 -2.07
CA LEU A 262 -8.60 -34.77 -2.70
C LEU A 262 -7.51 -34.13 -1.83
N GLY A 263 -6.43 -34.88 -1.63
CA GLY A 263 -5.32 -34.38 -0.87
C GLY A 263 -5.46 -34.49 0.62
N CYS A 264 -6.61 -34.94 1.10
CA CYS A 264 -6.76 -35.33 2.48
C CYS A 264 -6.50 -36.81 2.68
N HIS A 265 -5.95 -37.47 1.67
CA HIS A 265 -5.65 -38.88 1.78
C HIS A 265 -4.51 -39.09 2.78
N PRO A 266 -4.65 -40.05 3.70
CA PRO A 266 -3.61 -40.26 4.72
C PRO A 266 -2.25 -40.66 4.17
N GLN A 267 -2.21 -41.37 3.05
CA GLN A 267 -0.95 -41.91 2.57
C GLN A 267 -0.51 -41.30 1.25
N THR A 268 -1.43 -41.30 0.28
CA THR A 268 -1.18 -40.92 -1.09
C THR A 268 -1.91 -39.64 -1.47
N GLY A 269 -1.76 -38.59 -0.66
CA GLY A 269 -2.66 -37.46 -0.77
C GLY A 269 -2.13 -36.34 -1.65
N PHE A 270 -0.81 -36.27 -1.79
CA PHE A 270 -0.23 -35.19 -2.56
C PHE A 270 -0.04 -35.60 -4.03
N ALA A 271 0.29 -36.86 -4.26
CA ALA A 271 0.53 -37.33 -5.62
C ALA A 271 -0.72 -37.22 -6.47
N ASP A 272 -1.89 -37.58 -5.91
CA ASP A 272 -3.14 -37.49 -6.63
C ASP A 272 -3.50 -36.05 -6.95
N ILE A 273 -3.33 -35.14 -5.99
CA ILE A 273 -3.39 -33.72 -6.34
C ILE A 273 -2.43 -33.44 -7.48
N GLN A 274 -1.16 -33.77 -7.28
CA GLN A 274 -0.12 -33.43 -8.24
C GLN A 274 -0.34 -34.14 -9.57
N GLY A 275 -0.94 -35.32 -9.54
CA GLY A 275 -1.18 -36.00 -10.79
C GLY A 275 -2.56 -35.81 -11.37
N HIS A 276 -3.36 -34.93 -10.78
CA HIS A 276 -4.68 -34.62 -11.32
C HIS A 276 -4.50 -34.06 -12.74
N PRO A 277 -5.45 -34.33 -13.64
CA PRO A 277 -5.28 -33.87 -15.03
C PRO A 277 -5.15 -32.36 -15.16
N PHE A 278 -5.81 -31.59 -14.29
CA PHE A 278 -5.68 -30.13 -14.36
C PHE A 278 -4.23 -29.70 -14.15
N PHE A 279 -3.57 -30.27 -13.14
CA PHE A 279 -2.20 -29.94 -12.80
C PHE A 279 -1.19 -30.93 -13.36
N ARG A 280 -1.49 -31.54 -14.51
CA ARG A 280 -0.49 -32.40 -15.13
C ARG A 280 0.61 -31.54 -15.77
N ASN A 281 0.23 -30.39 -16.32
CA ASN A 281 1.18 -29.60 -17.11
C ASN A 281 2.36 -29.14 -16.27
N VAL A 282 2.19 -29.03 -14.96
CA VAL A 282 3.22 -28.38 -14.16
C VAL A 282 4.38 -29.32 -13.89
N ASP A 283 5.52 -28.73 -13.52
CA ASP A 283 6.69 -29.43 -13.03
C ASP A 283 7.02 -28.82 -11.67
N TRP A 284 6.71 -29.57 -10.61
CA TRP A 284 6.63 -28.98 -9.27
C TRP A 284 7.99 -28.91 -8.61
N ASP A 285 8.89 -29.82 -8.96
CA ASP A 285 10.29 -29.65 -8.55
C ASP A 285 10.86 -28.41 -9.19
N MET A 286 10.49 -28.16 -10.45
CA MET A 286 11.00 -27.02 -11.19
C MET A 286 10.35 -25.72 -10.71
N MET A 287 9.05 -25.77 -10.39
CA MET A 287 8.34 -24.57 -9.98
C MET A 287 8.75 -24.12 -8.58
N GLU A 288 9.17 -25.07 -7.75
CA GLU A 288 9.52 -24.75 -6.37
C GLU A 288 10.79 -23.91 -6.28
N GLN A 289 11.67 -24.03 -7.26
CA GLN A 289 12.86 -23.19 -7.31
C GLN A 289 12.57 -21.84 -7.97
N LYS A 290 11.29 -21.54 -8.18
CA LYS A 290 10.84 -20.36 -8.93
C LYS A 290 11.33 -20.38 -10.38
N GLN A 291 11.65 -21.56 -10.92
CA GLN A 291 12.13 -21.63 -12.29
C GLN A 291 11.03 -21.31 -13.29
N VAL A 292 9.79 -21.70 -12.97
CA VAL A 292 8.72 -21.57 -13.92
C VAL A 292 8.32 -20.09 -14.02
N VAL A 293 7.79 -19.70 -15.18
CA VAL A 293 7.60 -18.28 -15.42
C VAL A 293 6.20 -17.87 -14.96
N PRO A 294 6.10 -16.83 -14.14
CA PRO A 294 4.79 -16.37 -13.72
C PRO A 294 3.99 -15.89 -14.93
N PRO A 295 2.67 -16.02 -14.88
CA PRO A 295 1.87 -15.66 -16.07
C PRO A 295 1.94 -14.17 -16.36
N PHE A 296 1.75 -13.33 -15.35
CA PHE A 296 1.81 -11.89 -15.55
C PHE A 296 2.55 -11.26 -14.37
N LYS A 297 3.74 -10.77 -14.66
CA LYS A 297 4.46 -9.92 -13.72
C LYS A 297 3.55 -8.78 -13.29
N PRO A 298 3.44 -8.53 -11.98
CA PRO A 298 2.61 -7.43 -11.51
C PRO A 298 3.19 -6.09 -11.92
N ASN A 299 2.32 -5.09 -11.94
CA ASN A 299 2.73 -3.73 -12.25
C ASN A 299 3.75 -3.23 -11.24
N ILE A 300 4.76 -2.51 -11.75
CA ILE A 300 5.81 -1.95 -10.91
C ILE A 300 5.41 -0.52 -10.56
N SER A 301 4.94 -0.32 -9.34
CA SER A 301 4.66 1.02 -8.85
C SER A 301 5.76 1.40 -7.87
N GLY A 302 5.60 2.54 -7.19
CA GLY A 302 6.61 3.05 -6.28
C GLY A 302 7.22 1.99 -5.39
N GLU A 303 8.53 2.11 -5.14
CA GLU A 303 9.33 1.13 -4.40
C GLU A 303 8.56 0.45 -3.29
N PHE A 304 7.68 1.21 -2.63
CA PHE A 304 6.81 0.61 -1.63
C PHE A 304 5.90 -0.42 -2.26
N GLY A 305 5.41 -0.15 -3.48
CA GLY A 305 4.38 -0.97 -4.05
C GLY A 305 3.04 -0.79 -3.38
N LEU A 306 2.78 0.41 -2.84
CA LEU A 306 1.54 0.63 -2.10
C LEU A 306 0.35 0.82 -3.03
N ASP A 307 0.60 1.20 -4.29
CA ASP A 307 -0.50 1.50 -5.19
C ASP A 307 -1.26 0.23 -5.58
N ASN A 308 -0.53 -0.84 -5.88
CA ASN A 308 -1.18 -2.06 -6.33
C ASN A 308 -2.07 -2.65 -5.24
N PHE A 309 -1.64 -2.51 -3.99
CA PHE A 309 -2.33 -3.13 -2.87
C PHE A 309 -3.58 -2.36 -2.46
N ASP A 310 -4.53 -3.10 -1.92
CA ASP A 310 -5.73 -2.49 -1.38
C ASP A 310 -5.38 -1.52 -0.25
N SER A 311 -6.29 -0.59 0.00
CA SER A 311 -6.09 0.47 0.98
C SER A 311 -7.29 0.51 1.89
N GLN A 312 -7.10 0.08 3.14
CA GLN A 312 -8.20 -0.03 4.09
C GLN A 312 -8.20 1.16 5.04
N PHE A 313 -9.39 1.65 5.36
CA PHE A 313 -9.58 2.97 5.94
C PHE A 313 -9.88 2.95 7.43
N THR A 314 -9.60 1.83 8.11
CA THR A 314 -9.85 1.79 9.55
C THR A 314 -9.11 2.91 10.26
N ASN A 315 -7.79 2.98 10.10
CA ASN A 315 -6.96 3.98 10.78
C ASN A 315 -5.91 4.48 9.80
N GLU A 316 -6.19 5.62 9.16
CA GLU A 316 -5.20 6.21 8.25
C GLU A 316 -3.92 6.64 8.96
N PRO A 317 -3.94 7.18 10.21
CA PRO A 317 -2.70 7.53 10.88
C PRO A 317 -2.20 6.45 11.82
N VAL A 318 -0.89 6.21 11.77
CA VAL A 318 -0.22 5.22 12.59
C VAL A 318 0.22 5.91 13.87
N GLN A 319 -0.56 5.73 14.93
CA GLN A 319 -0.16 6.14 16.26
C GLN A 319 -0.47 4.98 17.20
N LEU A 320 0.57 4.36 17.72
CA LEU A 320 0.40 3.29 18.70
C LEU A 320 -0.32 3.82 19.92
N PRO A 322 -1.70 4.68 23.55
CA PRO A 322 -1.04 4.96 24.83
C PRO A 322 -1.36 3.96 25.93
N ASP A 323 -0.32 3.55 26.64
CA ASP A 323 -0.41 2.42 27.55
C ASP A 323 -1.12 2.79 28.84
N ASP A 324 -1.79 1.80 29.42
CA ASP A 324 -2.43 1.90 30.72
C ASP A 324 -1.61 1.12 31.73
N ASP A 325 -1.30 1.77 32.85
CA ASP A 325 -0.38 1.21 33.82
C ASP A 325 -0.92 -0.05 34.47
N ASP A 326 -2.24 -0.11 34.69
CA ASP A 326 -2.81 -1.19 35.49
C ASP A 326 -2.67 -2.53 34.79
N ILE A 327 -2.91 -2.53 33.48
CA ILE A 327 -2.65 -3.71 32.66
C ILE A 327 -1.17 -4.08 32.71
N VAL A 328 -0.31 -3.08 32.53
CA VAL A 328 1.12 -3.32 32.30
C VAL A 328 1.76 -3.98 33.51
N ARG A 329 1.24 -3.68 34.72
CA ARG A 329 1.75 -4.32 35.92
C ARG A 329 1.22 -5.74 36.06
N LYS A 330 0.14 -6.06 35.36
CA LYS A 330 -0.45 -7.39 35.47
C LYS A 330 0.21 -8.37 34.52
N ILE A 331 0.79 -7.88 33.43
CA ILE A 331 1.33 -8.77 32.42
C ILE A 331 2.61 -9.41 32.97
N ASP A 332 2.71 -10.73 32.82
CA ASP A 332 3.91 -11.46 33.18
C ASP A 332 4.81 -11.52 31.97
N GLN A 333 6.03 -11.00 32.12
CA GLN A 333 7.05 -11.09 31.09
C GLN A 333 7.82 -12.40 31.16
N SER A 334 7.55 -13.22 32.18
CA SER A 334 8.06 -14.58 32.19
C SER A 334 7.54 -15.35 31.00
N GLU A 335 6.22 -15.31 30.79
CA GLU A 335 5.62 -15.96 29.63
C GLU A 335 6.22 -15.41 28.34
N PHE A 336 6.29 -14.09 28.22
CA PHE A 336 6.89 -13.47 27.04
C PHE A 336 8.40 -13.43 27.20
N GLU A 337 8.97 -14.64 27.25
CA GLU A 337 10.40 -14.80 27.40
C GLU A 337 10.92 -15.49 26.16
N GLY A 338 12.21 -15.29 25.90
CA GLY A 338 12.79 -15.87 24.72
C GLY A 338 12.25 -15.32 23.42
N PHE A 339 11.35 -14.33 23.48
CA PHE A 339 11.11 -13.51 22.31
C PHE A 339 12.42 -12.79 21.97
N GLU A 340 12.45 -12.19 20.79
CA GLU A 340 13.64 -11.58 20.19
C GLU A 340 14.63 -12.65 19.76
N TYR A 341 14.36 -13.94 20.01
CA TYR A 341 15.28 -15.03 19.68
C TYR A 341 14.56 -16.02 18.76
N ILE A 342 14.97 -16.07 17.49
CA ILE A 342 14.28 -16.85 16.48
C ILE A 342 15.18 -18.00 16.06
N ASN A 343 14.67 -19.22 16.16
CA ASN A 343 15.35 -20.36 15.58
C ASN A 343 15.11 -20.39 14.09
N PRO A 344 15.96 -21.14 13.33
CA PRO A 344 15.85 -21.42 11.89
C PRO A 344 14.49 -21.16 11.24
N PHE B 11 23.13 -32.60 15.83
CA PHE B 11 23.77 -32.29 14.56
C PHE B 11 24.76 -33.37 14.16
N ASP B 12 24.38 -34.19 13.18
CA ASP B 12 25.28 -35.21 12.67
C ASP B 12 26.37 -34.56 11.83
N LEU B 13 27.60 -35.09 11.95
CA LEU B 13 28.81 -34.45 11.42
C LEU B 13 29.42 -35.34 10.36
N LEU B 14 29.46 -34.86 9.10
CA LEU B 14 30.01 -35.66 8.02
C LEU B 14 31.53 -35.59 7.99
N ARG B 15 32.08 -34.43 7.67
CA ARG B 15 33.49 -34.32 7.37
C ARG B 15 34.04 -32.99 7.87
N VAL B 16 35.37 -32.91 7.88
CA VAL B 16 36.09 -31.70 8.22
C VAL B 16 36.73 -31.22 6.93
N ILE B 17 36.17 -30.16 6.34
CA ILE B 17 36.73 -29.62 5.11
C ILE B 17 38.04 -28.90 5.40
N GLY B 18 38.01 -28.00 6.37
CA GLY B 18 39.15 -27.14 6.62
C GLY B 18 39.39 -26.99 8.09
N ARG B 19 40.63 -26.72 8.45
CA ARG B 19 41.00 -26.48 9.83
C ARG B 19 41.89 -25.26 9.86
N GLY B 20 41.85 -24.56 10.98
CA GLY B 20 42.76 -23.47 11.23
C GLY B 20 43.16 -23.50 12.69
N SER B 21 44.28 -22.84 12.97
CA SER B 21 44.78 -22.81 14.34
C SER B 21 43.73 -22.25 15.28
N TYR B 22 42.97 -21.28 14.82
CA TYR B 22 41.96 -20.68 15.67
C TYR B 22 40.67 -21.50 15.66
N ALA B 23 40.38 -22.14 14.54
CA ALA B 23 39.07 -22.72 14.32
C ALA B 23 39.17 -23.87 13.34
N LYS B 24 38.29 -24.84 13.54
CA LYS B 24 38.16 -25.96 12.62
C LYS B 24 36.79 -25.87 11.96
N VAL B 25 36.77 -26.10 10.66
CA VAL B 25 35.58 -25.99 9.84
C VAL B 25 35.15 -27.39 9.44
N LEU B 26 33.93 -27.78 9.82
CA LEU B 26 33.43 -29.09 9.49
C LEU B 26 32.10 -28.97 8.78
N LEU B 27 31.86 -29.90 7.88
CA LEU B 27 30.56 -30.11 7.24
C LEU B 27 29.69 -30.95 8.14
N VAL B 28 28.41 -30.58 8.24
CA VAL B 28 27.49 -31.20 9.17
C VAL B 28 26.10 -31.18 8.56
N ARG B 29 25.15 -31.75 9.30
CA ARG B 29 23.74 -31.76 8.95
C ARG B 29 22.96 -31.96 10.25
N LEU B 30 21.63 -32.03 10.14
CA LEU B 30 20.81 -32.13 11.34
C LEU B 30 19.95 -33.39 11.38
N ASP B 34 16.99 -28.34 6.37
CA ASP B 34 17.89 -29.33 6.94
C ASP B 34 19.08 -29.56 6.03
N ARG B 35 19.26 -28.65 5.07
CA ARG B 35 20.29 -28.81 4.07
C ARG B 35 21.68 -28.85 4.71
N ILE B 36 22.62 -29.46 4.00
CA ILE B 36 23.98 -29.57 4.51
C ILE B 36 24.56 -28.17 4.70
N TYR B 37 25.28 -28.00 5.80
CA TYR B 37 25.85 -26.72 6.17
C TYR B 37 27.30 -26.91 6.57
N ALA B 38 28.04 -25.81 6.59
CA ALA B 38 29.43 -25.81 7.00
C ALA B 38 29.52 -25.14 8.37
N MET B 39 29.93 -25.92 9.37
CA MET B 39 29.98 -25.44 10.74
C MET B 39 31.40 -25.05 11.12
N LYS B 40 31.53 -23.90 11.78
CA LYS B 40 32.82 -23.37 12.19
C LYS B 40 32.94 -23.45 13.70
N VAL B 41 33.93 -24.22 14.16
CA VAL B 41 34.12 -24.52 15.58
C VAL B 41 35.27 -23.68 16.10
N VAL B 42 34.99 -22.85 17.11
CA VAL B 42 36.04 -22.09 17.78
C VAL B 42 36.07 -22.49 19.24
N LYS B 43 37.23 -22.94 19.72
CA LYS B 43 37.36 -23.27 21.12
C LYS B 43 37.16 -22.01 21.95
N LYS B 44 36.70 -22.20 23.18
CA LYS B 44 36.37 -21.04 23.99
C LYS B 44 37.60 -20.43 24.63
N GLU B 45 38.71 -21.18 24.66
CA GLU B 45 39.94 -20.66 25.24
C GLU B 45 40.45 -19.45 24.48
N LEU B 46 40.22 -19.43 23.17
CA LEU B 46 40.86 -18.44 22.31
C LEU B 46 40.23 -17.06 22.49
N VAL B 47 38.95 -17.02 22.88
CA VAL B 47 38.20 -15.77 22.77
C VAL B 47 37.92 -15.18 24.15
N ASN B 48 37.85 -16.02 25.17
CA ASN B 48 37.45 -15.56 26.49
C ASN B 48 38.46 -14.61 27.11
N ASP B 49 39.74 -14.83 26.89
CA ASP B 49 40.76 -14.06 27.57
C ASP B 49 40.65 -12.58 27.23
N ASP B 50 41.28 -11.76 28.07
CA ASP B 50 41.16 -10.31 27.96
C ASP B 50 41.59 -9.86 26.57
N GLU B 51 40.75 -9.04 25.93
CA GLU B 51 40.87 -8.49 24.58
C GLU B 51 40.72 -9.58 23.53
N ASP B 52 40.64 -10.86 23.91
CA ASP B 52 40.42 -11.91 22.92
C ASP B 52 38.95 -12.00 22.53
N ILE B 53 38.06 -11.31 23.24
CA ILE B 53 36.63 -11.40 22.95
C ILE B 53 36.30 -10.81 21.59
N ASP B 54 37.18 -9.96 21.06
CA ASP B 54 36.78 -9.06 19.99
C ASP B 54 36.61 -9.77 18.66
N TRP B 55 37.38 -10.82 18.41
CA TRP B 55 37.25 -11.51 17.13
C TRP B 55 35.87 -12.15 16.98
N VAL B 56 35.44 -12.93 17.97
CA VAL B 56 34.13 -13.58 17.84
C VAL B 56 33.03 -12.53 17.77
N GLN B 57 33.13 -11.50 18.60
CA GLN B 57 32.15 -10.42 18.56
C GLN B 57 32.23 -9.67 17.24
N THR B 58 33.45 -9.37 16.79
CA THR B 58 33.61 -8.66 15.53
C THR B 58 33.22 -9.54 14.34
N GLU B 59 33.59 -10.82 14.39
CA GLU B 59 33.21 -11.71 13.30
C GLU B 59 31.71 -11.98 13.32
N LYS B 60 31.10 -11.96 14.51
CA LYS B 60 29.65 -12.18 14.56
C LYS B 60 28.89 -11.00 13.96
N HIS B 61 29.40 -9.79 14.16
CA HIS B 61 28.69 -8.62 13.65
C HIS B 61 28.76 -8.54 12.14
N VAL B 62 29.90 -8.95 11.57
CA VAL B 62 30.02 -9.01 10.12
C VAL B 62 28.91 -9.90 9.55
N PHE B 63 28.84 -11.13 10.05
CA PHE B 63 27.85 -12.09 9.56
C PHE B 63 26.45 -11.52 9.61
N GLU B 64 26.11 -10.83 10.70
CA GLU B 64 24.79 -10.21 10.80
C GLU B 64 24.61 -9.15 9.72
N GLN B 65 25.47 -8.13 9.72
CA GLN B 65 25.30 -7.03 8.78
C GLN B 65 25.57 -7.45 7.34
N ALA B 66 26.46 -8.42 7.15
CA ALA B 66 26.85 -8.84 5.81
C ALA B 66 26.14 -10.10 5.34
N SER B 67 25.19 -10.62 6.13
CA SER B 67 24.38 -11.74 5.66
C SER B 67 23.53 -11.35 4.46
N ASN B 68 23.28 -10.05 4.31
CA ASN B 68 22.30 -9.58 3.33
C ASN B 68 22.87 -9.58 1.92
N HIS B 69 24.14 -9.22 1.79
CA HIS B 69 24.75 -9.05 0.48
C HIS B 69 24.83 -10.38 -0.28
N PRO B 70 24.74 -10.34 -1.62
CA PRO B 70 24.81 -11.60 -2.38
C PRO B 70 26.16 -12.29 -2.30
N PHE B 71 27.25 -11.53 -2.38
CA PHE B 71 28.56 -12.17 -2.49
C PHE B 71 29.06 -12.65 -1.14
N LEU B 72 28.67 -11.96 -0.07
CA LEU B 72 29.10 -12.41 1.24
C LEU B 72 28.23 -13.56 1.74
N VAL B 73 28.89 -14.53 2.36
CA VAL B 73 28.23 -15.71 2.87
C VAL B 73 27.45 -15.38 4.16
N GLY B 74 26.55 -16.29 4.54
CA GLY B 74 25.56 -15.97 5.56
C GLY B 74 25.37 -17.08 6.58
N LEU B 75 24.99 -16.65 7.79
CA LEU B 75 24.85 -17.52 8.95
C LEU B 75 23.41 -18.01 9.07
N HIS B 76 23.26 -19.31 9.27
CA HIS B 76 21.94 -19.90 9.46
C HIS B 76 21.59 -19.99 10.95
N SER B 77 22.55 -20.39 11.78
CA SER B 77 22.29 -20.53 13.20
C SER B 77 23.60 -20.57 13.98
N CYS B 78 23.53 -20.14 15.24
CA CYS B 78 24.66 -20.12 16.15
C CYS B 78 24.27 -20.87 17.41
N PHE B 79 25.09 -21.83 17.83
CA PHE B 79 24.80 -22.52 19.07
C PHE B 79 26.03 -22.66 19.93
N GLN B 80 25.78 -22.75 21.24
CA GLN B 80 26.82 -22.63 22.24
C GLN B 80 26.83 -23.85 23.16
N THR B 81 28.00 -24.44 23.28
CA THR B 81 28.27 -25.44 24.28
C THR B 81 29.31 -24.85 25.22
N GLU B 82 29.59 -25.56 26.32
CA GLU B 82 30.58 -25.05 27.25
C GLU B 82 31.97 -25.03 26.62
N SER B 83 32.37 -26.14 26.00
CA SER B 83 33.76 -26.30 25.58
C SER B 83 34.09 -25.41 24.39
N ARG B 84 33.14 -25.21 23.47
CA ARG B 84 33.43 -24.60 22.19
C ARG B 84 32.21 -23.86 21.68
N LEU B 85 32.46 -22.92 20.75
CA LEU B 85 31.43 -22.12 20.09
C LEU B 85 31.30 -22.58 18.64
N PHE B 86 30.04 -22.69 18.17
CA PHE B 86 29.72 -23.34 16.92
C PHE B 86 28.87 -22.43 16.05
N PHE B 87 29.24 -22.27 14.78
CA PHE B 87 28.56 -21.41 13.82
C PHE B 87 28.08 -22.25 12.63
N VAL B 88 26.80 -22.11 12.24
CA VAL B 88 26.22 -22.94 11.19
C VAL B 88 25.89 -22.08 9.97
N ILE B 89 26.76 -22.16 8.96
CA ILE B 89 26.79 -21.27 7.82
C ILE B 89 26.28 -22.01 6.57
N GLU B 90 25.94 -21.24 5.54
CA GLU B 90 25.53 -21.86 4.29
C GLU B 90 26.75 -22.42 3.55
N TYR B 91 26.54 -23.45 2.75
CA TYR B 91 27.63 -24.21 2.15
C TYR B 91 27.64 -23.94 0.64
N VAL B 92 28.79 -23.46 0.15
CA VAL B 92 28.99 -23.12 -1.25
C VAL B 92 29.59 -24.36 -1.91
N ASN B 93 28.97 -24.85 -2.98
CA ASN B 93 29.42 -26.08 -3.61
C ASN B 93 30.29 -25.85 -4.83
N GLY B 94 30.53 -24.60 -5.23
CA GLY B 94 31.28 -24.36 -6.45
C GLY B 94 32.76 -24.68 -6.30
N GLY B 95 33.39 -24.12 -5.28
CA GLY B 95 34.79 -24.36 -5.07
C GLY B 95 35.58 -23.06 -4.91
N ASP B 96 36.73 -23.20 -4.27
CA ASP B 96 37.62 -22.07 -4.05
C ASP B 96 38.39 -21.77 -5.34
N LEU B 97 38.73 -20.49 -5.52
CA LEU B 97 39.41 -20.10 -6.74
C LEU B 97 40.87 -20.54 -6.75
N MET B 98 41.51 -20.59 -5.59
CA MET B 98 42.90 -21.02 -5.53
C MET B 98 43.08 -22.38 -6.20
N PHE B 99 42.07 -23.24 -6.08
CA PHE B 99 42.10 -24.51 -6.78
C PHE B 99 41.82 -24.31 -8.27
N HIS B 100 41.05 -23.29 -8.62
CA HIS B 100 40.80 -22.99 -10.02
C HIS B 100 42.09 -22.61 -10.73
N MET B 101 43.03 -22.01 -10.00
CA MET B 101 44.27 -21.56 -10.63
C MET B 101 45.11 -22.73 -11.09
N GLN B 102 45.03 -23.87 -10.40
CA GLN B 102 45.75 -25.05 -10.87
C GLN B 102 45.05 -25.67 -12.08
N ARG B 103 43.72 -25.78 -12.02
CA ARG B 103 43.00 -26.37 -13.14
C ARG B 103 43.10 -25.47 -14.37
N GLN B 104 42.97 -24.16 -14.19
CA GLN B 104 43.11 -23.18 -15.25
C GLN B 104 44.16 -22.16 -14.80
N ARG B 105 45.40 -22.34 -15.28
CA ARG B 105 46.50 -21.52 -14.76
C ARG B 105 46.29 -20.04 -15.03
N LYS B 106 45.60 -19.72 -16.12
CA LYS B 106 45.39 -18.35 -16.53
C LYS B 106 43.93 -18.16 -16.91
N LEU B 107 43.37 -17.03 -16.51
CA LEU B 107 41.95 -16.87 -16.79
C LEU B 107 41.73 -15.78 -17.83
N PRO B 108 40.69 -15.93 -18.65
CA PRO B 108 40.31 -14.87 -19.58
C PRO B 108 39.83 -13.64 -18.83
N GLU B 109 40.19 -12.47 -19.38
CA GLU B 109 39.88 -11.20 -18.73
C GLU B 109 38.41 -11.11 -18.33
N GLU B 110 37.53 -11.70 -19.14
CA GLU B 110 36.10 -11.64 -18.83
C GLU B 110 35.79 -12.37 -17.53
N HIS B 111 36.60 -13.37 -17.18
CA HIS B 111 36.41 -14.04 -15.90
C HIS B 111 36.87 -13.15 -14.76
N ALA B 112 38.01 -12.49 -14.93
CA ALA B 112 38.51 -11.58 -13.91
C ALA B 112 37.52 -10.47 -13.62
N ARG B 113 37.04 -9.78 -14.66
CA ARG B 113 36.23 -8.59 -14.43
C ARG B 113 34.94 -8.96 -13.71
N PHE B 114 34.28 -10.03 -14.13
CA PHE B 114 33.10 -10.46 -13.39
C PHE B 114 33.44 -10.69 -11.93
N TYR B 115 34.41 -11.57 -11.67
CA TYR B 115 34.81 -11.83 -10.29
C TYR B 115 35.33 -10.56 -9.62
N SER B 116 36.23 -9.84 -10.29
CA SER B 116 36.86 -8.67 -9.68
C SER B 116 35.83 -7.59 -9.36
N ALA B 117 34.85 -7.41 -10.25
CA ALA B 117 33.82 -6.42 -10.01
C ALA B 117 32.95 -6.82 -8.82
N GLU B 118 32.57 -8.10 -8.76
CA GLU B 118 31.74 -8.58 -7.66
C GLU B 118 32.41 -8.33 -6.31
N ILE B 119 33.67 -8.73 -6.17
CA ILE B 119 34.36 -8.60 -4.90
C ILE B 119 34.46 -7.12 -4.52
N SER B 120 34.53 -6.25 -5.53
CA SER B 120 34.67 -4.82 -5.27
C SER B 120 33.39 -4.23 -4.70
N LEU B 121 32.24 -4.71 -5.15
CA LEU B 121 30.98 -4.34 -4.52
C LEU B 121 30.86 -4.93 -3.13
N ALA B 122 31.15 -6.22 -3.02
CA ALA B 122 31.09 -6.89 -1.73
C ALA B 122 31.92 -6.13 -0.71
N LEU B 123 33.21 -5.99 -0.98
CA LEU B 123 34.11 -5.21 -0.13
C LEU B 123 33.53 -3.84 0.19
N ASN B 124 33.01 -3.15 -0.83
CA ASN B 124 32.51 -1.81 -0.61
C ASN B 124 31.36 -1.79 0.38
N TYR B 125 30.46 -2.78 0.30
CA TYR B 125 29.38 -2.85 1.28
C TYR B 125 29.93 -2.88 2.70
N LEU B 126 30.97 -3.70 2.91
CA LEU B 126 31.63 -3.73 4.20
C LEU B 126 32.15 -2.34 4.57
N HIS B 127 32.98 -1.77 3.70
CA HIS B 127 33.55 -0.44 3.95
C HIS B 127 32.48 0.60 4.21
N GLU B 128 31.24 0.36 3.77
CA GLU B 128 30.17 1.33 4.01
C GLU B 128 29.59 1.18 5.42
N ARG B 129 29.75 0.03 6.05
CA ARG B 129 29.27 -0.17 7.40
C ARG B 129 30.38 -0.13 8.43
N GLY B 130 31.60 0.21 7.99
CA GLY B 130 32.72 0.33 8.90
C GLY B 130 33.48 -0.97 9.11
N ILE B 131 33.72 -1.70 8.01
CA ILE B 131 34.38 -2.99 8.12
C ILE B 131 35.46 -3.09 7.05
N ILE B 132 36.46 -3.91 7.33
CA ILE B 132 37.50 -4.29 6.37
C ILE B 132 37.66 -5.80 6.47
N TYR B 133 37.72 -6.47 5.33
CA TYR B 133 37.89 -7.92 5.37
C TYR B 133 39.30 -8.29 5.78
N ARG B 134 40.29 -7.73 5.07
CA ARG B 134 41.72 -7.95 5.27
C ARG B 134 42.12 -9.43 5.23
N ASP B 135 41.18 -10.36 5.05
CA ASP B 135 41.52 -11.76 4.88
C ASP B 135 41.33 -12.24 3.45
N LEU B 136 41.35 -11.31 2.49
CA LEU B 136 41.08 -11.67 1.11
C LEU B 136 42.19 -12.54 0.52
N LYS B 137 41.80 -13.72 0.05
CA LYS B 137 42.69 -14.67 -0.60
C LYS B 137 41.89 -15.38 -1.67
N LEU B 138 42.59 -16.09 -2.55
CA LEU B 138 41.90 -16.90 -3.54
C LEU B 138 41.08 -18.01 -2.86
N ASP B 139 41.54 -18.49 -1.70
CA ASP B 139 40.79 -19.53 -1.02
C ASP B 139 39.58 -18.96 -0.30
N ASN B 140 39.61 -17.65 0.01
CA ASN B 140 38.48 -17.05 0.71
C ASN B 140 37.35 -16.69 -0.24
N VAL B 141 37.68 -16.25 -1.45
CA VAL B 141 36.67 -16.08 -2.49
C VAL B 141 36.23 -17.46 -2.97
N LEU B 142 34.94 -17.72 -2.89
CA LEU B 142 34.40 -19.03 -3.18
C LEU B 142 33.31 -18.91 -4.22
N LEU B 143 33.29 -19.87 -5.15
CA LEU B 143 32.32 -19.85 -6.23
C LEU B 143 31.07 -20.59 -5.80
N ASP B 144 29.92 -20.07 -6.19
CA ASP B 144 28.66 -20.76 -5.96
C ASP B 144 28.48 -21.87 -7.00
N SER B 145 27.38 -22.61 -6.86
CA SER B 145 27.04 -23.59 -7.89
C SER B 145 26.65 -22.91 -9.18
N GLU B 146 26.11 -21.69 -9.07
CA GLU B 146 25.71 -20.94 -10.26
C GLU B 146 26.92 -20.45 -11.04
N GLY B 147 28.04 -20.23 -10.36
CA GLY B 147 29.22 -19.64 -10.95
C GLY B 147 29.56 -18.29 -10.37
N HIS B 148 28.79 -17.81 -9.40
CA HIS B 148 29.10 -16.56 -8.73
C HIS B 148 30.12 -16.79 -7.63
N ILE B 149 30.55 -15.70 -6.99
CA ILE B 149 31.57 -15.79 -5.95
C ILE B 149 30.93 -15.54 -4.60
N LYS B 150 31.63 -16.01 -3.56
CA LYS B 150 31.28 -15.76 -2.18
C LYS B 150 32.54 -15.50 -1.38
N LEU B 151 32.38 -14.83 -0.24
CA LEU B 151 33.51 -14.40 0.60
C LEU B 151 33.40 -15.02 1.99
N THR B 152 34.53 -15.49 2.50
CA THR B 152 34.56 -16.23 3.75
C THR B 152 35.77 -15.81 4.60
N ASP B 153 36.06 -16.65 5.59
CA ASP B 153 37.12 -16.41 6.57
C ASP B 153 37.05 -15.00 7.12
N TYR B 154 35.91 -14.69 7.74
CA TYR B 154 35.77 -13.41 8.43
C TYR B 154 36.42 -13.51 9.81
N GLY B 155 37.72 -13.76 9.79
CA GLY B 155 38.46 -13.89 11.03
C GLY B 155 39.33 -12.68 11.27
N MET B 156 39.99 -12.22 10.22
CA MET B 156 40.85 -11.05 10.29
C MET B 156 40.09 -9.76 10.03
N CYS B 157 38.77 -9.82 9.94
CA CYS B 157 37.98 -8.63 9.63
C CYS B 157 38.00 -7.65 10.79
N LYS B 158 37.92 -6.36 10.45
CA LYS B 158 37.95 -5.28 11.44
C LYS B 158 36.66 -4.49 11.33
N GLU B 159 35.99 -4.30 12.46
CA GLU B 159 34.75 -3.53 12.49
C GLU B 159 34.89 -2.37 13.46
N GLY B 160 34.02 -1.38 13.28
CA GLY B 160 33.96 -0.24 14.17
C GLY B 160 34.83 0.92 13.74
N LEU B 161 35.45 0.83 12.57
CA LEU B 161 36.33 1.87 12.05
C LEU B 161 35.49 2.72 11.12
N ARG B 162 35.11 3.89 11.59
CA ARG B 162 34.20 4.75 10.85
C ARG B 162 35.04 5.72 10.02
N PRO B 163 34.43 6.63 9.23
CA PRO B 163 35.25 7.56 8.45
C PRO B 163 36.08 8.44 9.37
N GLY B 164 37.29 8.74 8.92
CA GLY B 164 38.22 9.52 9.70
C GLY B 164 38.92 8.75 10.80
N ASP B 165 38.75 7.42 10.85
CA ASP B 165 39.37 6.58 11.86
C ASP B 165 40.25 5.55 11.16
N THR B 166 41.47 5.41 11.66
CA THR B 166 42.41 4.40 11.19
C THR B 166 42.92 3.63 12.40
N THR B 167 42.73 2.32 12.40
CA THR B 167 43.34 1.45 13.37
C THR B 167 44.75 1.13 12.91
N SER B 168 45.49 0.40 13.74
CA SER B 168 46.90 0.15 13.49
C SER B 168 47.19 -1.30 13.79
N PHE B 170 47.85 -5.05 13.47
CA PHE B 170 48.60 -5.63 12.37
C PHE B 170 48.04 -6.99 12.08
N CYS B 171 47.77 -7.28 10.81
CA CYS B 171 47.09 -8.52 10.46
C CYS B 171 47.04 -8.69 8.96
N GLY B 172 47.04 -9.95 8.54
CA GLY B 172 46.87 -10.29 7.15
C GLY B 172 47.62 -11.55 6.80
N THR B 173 47.85 -11.70 5.52
CA THR B 173 48.51 -12.76 4.79
C THR B 173 49.77 -12.23 4.16
N PRO B 174 50.88 -12.99 4.22
CA PRO B 174 52.15 -12.49 3.64
C PRO B 174 52.04 -12.17 2.16
N ASN B 175 51.43 -13.06 1.38
CA ASN B 175 51.31 -12.80 -0.05
C ASN B 175 50.59 -11.49 -0.33
N TYR B 176 49.38 -11.33 0.21
CA TYR B 176 48.48 -10.24 -0.11
C TYR B 176 48.61 -9.06 0.84
N ILE B 177 49.69 -8.97 1.59
CA ILE B 177 49.78 -7.93 2.60
C ILE B 177 49.99 -6.58 1.93
N ALA B 178 49.32 -5.58 2.47
CA ALA B 178 49.40 -4.24 1.93
C ALA B 178 50.59 -3.51 2.54
N PRO B 179 51.12 -2.49 1.84
CA PRO B 179 52.37 -1.89 2.31
C PRO B 179 52.23 -1.18 3.64
N GLU B 180 51.13 -0.45 3.85
CA GLU B 180 50.96 0.33 5.08
C GLU B 180 50.95 -0.59 6.30
N ILE B 181 50.37 -1.78 6.16
CA ILE B 181 50.45 -2.76 7.23
C ILE B 181 51.89 -3.18 7.47
N LEU B 182 52.60 -3.55 6.40
CA LEU B 182 54.00 -3.92 6.54
C LEU B 182 54.83 -2.76 7.04
N ARG B 183 54.41 -1.54 6.73
CA ARG B 183 55.20 -0.37 7.09
C ARG B 183 55.22 -0.14 8.59
N GLY B 184 54.23 -0.65 9.32
CA GLY B 184 54.04 -0.28 10.70
C GLY B 184 53.28 1.01 10.87
N GLU B 185 52.82 1.62 9.78
CA GLU B 185 51.95 2.76 9.84
C GLU B 185 50.50 2.30 9.95
N ASP B 186 49.63 3.22 10.35
CA ASP B 186 48.22 2.91 10.48
C ASP B 186 47.62 2.59 9.11
N TYR B 187 46.75 1.60 9.09
CA TYR B 187 46.11 1.10 7.87
C TYR B 187 44.62 1.44 7.91
N GLY B 188 44.11 1.96 6.81
CA GLY B 188 42.69 2.17 6.64
C GLY B 188 42.06 1.10 5.77
N PHE B 189 41.01 1.50 5.06
CA PHE B 189 40.29 0.57 4.21
C PHE B 189 41.00 0.32 2.88
N SER B 190 42.15 0.96 2.69
CA SER B 190 42.87 0.90 1.42
C SER B 190 43.55 -0.45 1.22
N VAL B 191 43.55 -1.30 2.25
CA VAL B 191 44.31 -2.54 2.16
C VAL B 191 43.55 -3.56 1.31
N ASP B 192 42.22 -3.44 1.24
CA ASP B 192 41.42 -4.44 0.54
C ASP B 192 41.64 -4.37 -0.97
N TRP B 193 42.04 -3.21 -1.48
CA TRP B 193 42.21 -3.08 -2.92
C TRP B 193 43.54 -3.65 -3.37
N TRP B 194 44.60 -3.44 -2.58
CA TRP B 194 45.86 -4.11 -2.85
C TRP B 194 45.66 -5.60 -3.11
N ALA B 195 44.97 -6.29 -2.19
CA ALA B 195 44.71 -7.71 -2.37
C ALA B 195 43.95 -7.97 -3.66
N LEU B 196 42.95 -7.13 -3.95
CA LEU B 196 42.28 -7.21 -5.24
C LEU B 196 43.27 -7.21 -6.37
N GLY B 197 44.15 -6.20 -6.41
CA GLY B 197 45.27 -6.23 -7.34
C GLY B 197 45.97 -7.58 -7.34
N VAL B 198 46.41 -8.04 -6.16
CA VAL B 198 47.10 -9.32 -6.10
C VAL B 198 46.18 -10.43 -6.59
N LEU B 199 44.95 -10.47 -6.10
CA LEU B 199 44.00 -11.48 -6.55
C LEU B 199 43.66 -11.31 -8.02
N MET B 200 43.49 -10.06 -8.48
CA MET B 200 43.24 -9.82 -9.89
C MET B 200 44.45 -10.15 -10.73
N PHE B 201 45.64 -9.81 -10.23
CA PHE B 201 46.87 -10.15 -10.95
C PHE B 201 46.91 -11.63 -11.28
N GLU B 202 46.76 -12.48 -10.27
CA GLU B 202 47.02 -13.91 -10.43
C GLU B 202 46.09 -14.54 -11.45
N MET B 203 44.82 -14.14 -11.48
CA MET B 203 43.90 -14.73 -12.44
C MET B 203 44.37 -14.49 -13.86
N MET B 204 44.70 -13.24 -14.20
CA MET B 204 45.03 -12.91 -15.58
C MET B 204 46.45 -13.31 -15.92
N ALA B 205 47.34 -13.27 -14.92
CA ALA B 205 48.78 -13.39 -15.17
C ALA B 205 49.29 -14.76 -14.78
N GLY B 206 48.68 -15.38 -13.78
CA GLY B 206 49.01 -16.74 -13.39
C GLY B 206 50.03 -16.86 -12.27
N ARG B 207 50.51 -15.75 -11.73
CA ARG B 207 51.56 -15.77 -10.72
C ARG B 207 51.44 -14.55 -9.83
N SER B 208 52.08 -14.64 -8.68
CA SER B 208 52.13 -13.50 -7.77
C SER B 208 52.96 -12.38 -8.38
N PRO B 209 52.49 -11.12 -8.27
CA PRO B 209 53.29 -9.99 -8.78
C PRO B 209 54.67 -9.92 -8.14
N PHE B 210 54.74 -10.09 -6.81
CA PHE B 210 56.00 -10.06 -6.08
C PHE B 210 56.69 -11.41 -6.07
N ASP B 211 56.03 -12.44 -6.59
CA ASP B 211 56.61 -13.76 -6.68
C ASP B 211 57.20 -14.18 -5.33
N GLU B 224 60.73 -17.37 2.12
CA GLU B 224 59.65 -17.61 3.08
C GLU B 224 59.24 -16.32 3.78
N ASP B 225 60.13 -15.32 3.75
CA ASP B 225 59.75 -14.01 4.27
C ASP B 225 60.29 -12.87 3.40
N TYR B 226 61.15 -13.15 2.42
CA TYR B 226 61.63 -12.10 1.54
C TYR B 226 60.50 -11.30 0.91
N LEU B 227 59.25 -11.75 1.04
CA LEU B 227 58.14 -11.07 0.39
C LEU B 227 58.02 -9.63 0.86
N PHE B 228 58.13 -9.40 2.17
CA PHE B 228 58.01 -8.04 2.69
C PHE B 228 58.96 -7.11 1.97
N GLN B 229 60.15 -7.61 1.63
CA GLN B 229 61.12 -6.79 0.91
C GLN B 229 60.67 -6.56 -0.53
N VAL B 230 60.28 -7.63 -1.23
CA VAL B 230 59.86 -7.51 -2.62
C VAL B 230 58.67 -6.58 -2.74
N ILE B 231 57.75 -6.63 -1.78
CA ILE B 231 56.54 -5.81 -1.83
C ILE B 231 56.89 -4.34 -1.68
N LEU B 232 57.76 -4.01 -0.72
CA LEU B 232 57.94 -2.61 -0.34
C LEU B 232 58.81 -1.86 -1.34
N GLU B 233 59.85 -2.52 -1.87
CA GLU B 233 60.90 -1.82 -2.59
C GLU B 233 61.17 -2.36 -3.99
N LYS B 234 60.22 -3.05 -4.61
CA LYS B 234 60.40 -3.55 -5.96
C LYS B 234 59.19 -3.22 -6.82
N GLN B 235 59.46 -2.71 -8.01
CA GLN B 235 58.39 -2.37 -8.93
C GLN B 235 57.79 -3.62 -9.56
N ILE B 236 56.47 -3.63 -9.66
CA ILE B 236 55.74 -4.80 -10.14
C ILE B 236 55.99 -4.99 -11.63
N ARG B 237 56.22 -6.24 -12.02
CA ARG B 237 56.49 -6.59 -13.40
C ARG B 237 55.22 -7.18 -14.01
N ILE B 238 54.64 -6.45 -14.94
CA ILE B 238 53.39 -6.86 -15.58
C ILE B 238 53.75 -7.71 -16.78
N PRO B 239 53.12 -8.86 -16.99
CA PRO B 239 53.31 -9.60 -18.23
C PRO B 239 53.10 -8.67 -19.41
N ARG B 240 53.86 -8.92 -20.48
CA ARG B 240 53.67 -8.11 -21.67
C ARG B 240 52.33 -8.40 -22.33
N SER B 241 51.83 -9.63 -22.18
CA SER B 241 50.64 -10.04 -22.90
C SER B 241 49.40 -9.29 -22.42
N LEU B 242 49.40 -8.83 -21.17
CA LEU B 242 48.20 -8.27 -20.58
C LEU B 242 47.83 -6.96 -21.25
N SER B 243 46.54 -6.65 -21.23
CA SER B 243 46.06 -5.43 -21.86
C SER B 243 46.62 -4.22 -21.12
N VAL B 244 46.75 -3.12 -21.86
CA VAL B 244 47.23 -1.89 -21.24
C VAL B 244 46.22 -1.40 -20.20
N LYS B 245 44.94 -1.55 -20.50
CA LYS B 245 43.91 -1.30 -19.50
C LYS B 245 44.10 -2.18 -18.28
N ALA B 246 44.37 -3.46 -18.49
CA ALA B 246 44.59 -4.36 -17.37
C ALA B 246 45.87 -3.99 -16.61
N ALA B 247 46.83 -3.42 -17.32
CA ALA B 247 48.07 -2.99 -16.67
C ALA B 247 47.84 -1.78 -15.78
N SER B 248 46.95 -0.87 -16.20
CA SER B 248 46.76 0.37 -15.46
C SER B 248 46.00 0.10 -14.15
N VAL B 249 45.08 -0.85 -14.18
CA VAL B 249 44.32 -1.18 -12.98
C VAL B 249 45.22 -1.88 -11.97
N LEU B 250 46.08 -2.78 -12.46
CA LEU B 250 47.08 -3.37 -11.59
C LEU B 250 47.99 -2.30 -11.00
N LYS B 251 48.40 -1.33 -11.82
CA LYS B 251 49.33 -0.31 -11.33
C LYS B 251 48.64 0.64 -10.34
N SER B 252 47.35 0.88 -10.55
CA SER B 252 46.64 1.84 -9.71
C SER B 252 46.15 1.18 -8.42
N PHE B 253 45.74 -0.08 -8.50
CA PHE B 253 45.44 -0.86 -7.30
C PHE B 253 46.71 -1.25 -6.58
N LEU B 254 47.63 -1.91 -7.28
CA LEU B 254 48.88 -2.34 -6.68
C LEU B 254 49.84 -1.15 -6.63
N ASN B 255 49.52 -0.22 -5.73
CA ASN B 255 50.31 0.98 -5.53
C ASN B 255 50.67 1.11 -4.06
N LYS B 256 51.87 1.66 -3.79
CA LYS B 256 52.37 1.74 -2.43
C LYS B 256 51.70 2.87 -1.65
N ASP B 257 51.27 3.91 -2.34
CA ASP B 257 50.78 5.09 -1.64
C ASP B 257 49.30 4.95 -1.35
N PRO B 258 48.89 4.90 -0.07
CA PRO B 258 47.47 4.64 0.22
C PRO B 258 46.53 5.72 -0.27
N LYS B 259 46.96 6.98 -0.25
CA LYS B 259 46.09 8.04 -0.78
C LYS B 259 46.07 8.00 -2.29
N GLU B 260 47.22 7.68 -2.90
CA GLU B 260 47.33 7.72 -4.36
C GLU B 260 46.75 6.47 -5.01
N ARG B 261 46.62 5.40 -4.25
CA ARG B 261 46.21 4.11 -4.78
C ARG B 261 44.73 4.11 -5.14
N LEU B 262 44.39 3.46 -6.25
CA LEU B 262 43.04 3.51 -6.78
C LEU B 262 42.06 2.73 -5.91
N GLY B 263 40.84 3.26 -5.80
CA GLY B 263 39.84 2.68 -4.93
C GLY B 263 40.04 3.01 -3.48
N CYS B 264 41.13 3.68 -3.13
CA CYS B 264 41.45 3.99 -1.74
C CYS B 264 41.00 5.37 -1.32
N HIS B 265 40.45 6.16 -2.23
CA HIS B 265 40.05 7.53 -1.92
C HIS B 265 38.70 7.51 -1.22
N PRO B 266 38.57 8.15 -0.06
CA PRO B 266 37.27 8.11 0.64
C PRO B 266 36.15 8.87 -0.08
N GLN B 267 36.43 10.08 -0.57
CA GLN B 267 35.36 10.89 -1.16
C GLN B 267 34.88 10.32 -2.49
N THR B 268 35.82 9.99 -3.38
CA THR B 268 35.50 9.53 -4.72
C THR B 268 36.27 8.26 -5.10
N GLY B 269 36.47 7.35 -4.16
CA GLY B 269 37.20 6.14 -4.50
C GLY B 269 36.43 5.24 -5.44
N PHE B 270 35.26 4.79 -5.00
CA PHE B 270 34.54 3.75 -5.74
C PHE B 270 34.11 4.23 -7.12
N ALA B 271 33.94 5.54 -7.29
CA ALA B 271 33.54 6.07 -8.59
C ALA B 271 34.63 5.84 -9.62
N ASP B 272 35.87 6.23 -9.30
CA ASP B 272 36.95 6.18 -10.28
C ASP B 272 37.24 4.75 -10.72
N ILE B 273 37.27 3.81 -9.78
CA ILE B 273 37.54 2.42 -10.12
C ILE B 273 36.38 1.84 -10.96
N GLN B 274 35.14 2.24 -10.65
CA GLN B 274 34.03 1.89 -11.52
C GLN B 274 34.17 2.55 -12.89
N GLY B 275 34.73 3.75 -12.93
CA GLY B 275 34.97 4.44 -14.18
C GLY B 275 36.29 4.10 -14.83
N HIS B 276 36.96 3.05 -14.36
CA HIS B 276 38.26 2.70 -14.85
C HIS B 276 38.17 2.07 -16.24
N PRO B 277 39.22 2.20 -17.04
CA PRO B 277 39.16 1.68 -18.42
C PRO B 277 38.92 0.18 -18.49
N PHE B 278 39.43 -0.58 -17.53
CA PHE B 278 39.28 -2.04 -17.60
C PHE B 278 37.86 -2.46 -17.26
N PHE B 279 37.20 -1.72 -16.36
CA PHE B 279 35.89 -2.05 -15.86
C PHE B 279 34.78 -1.23 -16.51
N ARG B 280 34.97 -0.78 -17.74
CA ARG B 280 34.00 0.12 -18.35
C ARG B 280 32.74 -0.63 -18.79
N ASN B 281 32.91 -1.86 -19.28
CA ASN B 281 31.79 -2.58 -19.88
C ASN B 281 30.75 -2.96 -18.85
N VAL B 282 31.19 -3.32 -17.63
CA VAL B 282 30.28 -3.92 -16.68
C VAL B 282 29.29 -2.88 -16.17
N ASP B 283 28.10 -3.33 -15.85
CA ASP B 283 27.09 -2.49 -15.22
C ASP B 283 26.90 -3.00 -13.79
N TRP B 284 27.22 -2.15 -12.82
CA TRP B 284 27.30 -2.61 -11.43
C TRP B 284 25.91 -2.86 -10.85
N ASP B 285 24.99 -1.91 -11.05
CA ASP B 285 23.64 -2.05 -10.51
C ASP B 285 22.90 -3.19 -11.18
N MET B 286 23.23 -3.46 -12.44
CA MET B 286 22.68 -4.64 -13.11
C MET B 286 23.19 -5.91 -12.47
N MET B 287 24.52 -6.00 -12.31
CA MET B 287 25.18 -7.22 -11.87
C MET B 287 24.93 -7.53 -10.40
N GLU B 288 24.63 -6.50 -9.60
CA GLU B 288 24.50 -6.70 -8.16
C GLU B 288 23.33 -7.60 -7.81
N GLN B 289 22.29 -7.61 -8.63
CA GLN B 289 21.18 -8.54 -8.47
C GLN B 289 21.42 -9.86 -9.18
N LYS B 290 22.69 -10.23 -9.40
CA LYS B 290 23.06 -11.43 -10.13
C LYS B 290 22.41 -11.49 -11.52
N GLN B 291 22.19 -10.34 -12.14
CA GLN B 291 21.58 -10.31 -13.46
C GLN B 291 22.58 -10.72 -14.54
N VAL B 292 23.84 -10.37 -14.35
CA VAL B 292 24.87 -10.70 -15.33
C VAL B 292 25.24 -12.17 -15.23
N VAL B 293 25.56 -12.76 -16.39
CA VAL B 293 25.71 -14.19 -16.54
C VAL B 293 27.13 -14.62 -16.21
N PRO B 294 27.32 -15.55 -15.28
CA PRO B 294 28.66 -15.96 -14.90
C PRO B 294 29.35 -16.66 -16.05
N PRO B 295 30.69 -16.55 -16.12
CA PRO B 295 31.40 -17.17 -17.25
C PRO B 295 31.29 -18.69 -17.29
N PHE B 296 31.56 -19.37 -16.17
CA PHE B 296 31.48 -20.83 -16.20
C PHE B 296 30.94 -21.37 -14.88
N LYS B 297 30.23 -22.49 -14.98
CA LYS B 297 29.70 -23.21 -13.84
C LYS B 297 30.83 -24.02 -13.20
N PRO B 298 30.54 -24.78 -12.11
CA PRO B 298 31.64 -25.38 -11.35
C PRO B 298 31.74 -26.90 -11.43
N ASN B 299 31.17 -27.52 -12.46
CA ASN B 299 31.28 -28.98 -12.65
C ASN B 299 30.58 -29.72 -11.50
N ILE B 300 29.34 -29.34 -11.24
CA ILE B 300 28.66 -29.78 -10.03
C ILE B 300 28.36 -31.28 -10.11
N SER B 301 28.41 -31.95 -8.96
CA SER B 301 28.29 -33.40 -8.91
C SER B 301 28.06 -33.84 -7.48
N GLY B 302 27.09 -34.75 -7.30
CA GLY B 302 26.70 -35.21 -5.98
C GLY B 302 25.90 -34.15 -5.27
N GLU B 303 25.16 -34.53 -4.23
CA GLU B 303 24.38 -33.54 -3.50
C GLU B 303 25.29 -32.47 -2.92
N PHE B 304 26.34 -32.89 -2.23
CA PHE B 304 27.30 -31.99 -1.59
C PHE B 304 28.59 -32.08 -2.38
N GLY B 305 28.70 -31.27 -3.42
CA GLY B 305 29.93 -31.20 -4.19
C GLY B 305 31.09 -31.01 -3.23
N LEU B 306 32.03 -31.93 -3.26
CA LEU B 306 33.23 -31.86 -2.45
C LEU B 306 34.49 -32.12 -3.26
N ASP B 307 34.38 -32.84 -4.37
CA ASP B 307 35.49 -32.94 -5.32
C ASP B 307 36.10 -31.59 -5.66
N ASN B 308 35.26 -30.60 -5.87
CA ASN B 308 35.66 -29.35 -6.50
C ASN B 308 36.58 -28.51 -5.64
N PHE B 309 36.52 -28.69 -4.32
CA PHE B 309 37.09 -27.69 -3.42
C PHE B 309 38.58 -27.90 -3.24
N ASP B 310 38.96 -29.01 -2.64
CA ASP B 310 40.38 -29.20 -2.45
C ASP B 310 40.71 -30.67 -2.36
N SER B 311 41.86 -30.98 -2.92
CA SER B 311 42.54 -32.24 -2.69
C SER B 311 43.91 -31.83 -2.19
N GLN B 312 44.15 -31.97 -0.88
CA GLN B 312 45.46 -31.72 -0.32
C GLN B 312 45.77 -32.73 0.79
N ASN B 315 43.48 -36.45 4.41
CA ASN B 315 42.38 -35.89 5.20
C ASN B 315 42.54 -36.27 6.67
N GLU B 316 41.48 -36.11 7.45
CA GLU B 316 41.56 -36.33 8.89
C GLU B 316 40.20 -36.76 9.40
N PRO B 317 40.14 -37.41 10.57
CA PRO B 317 38.85 -37.81 11.15
C PRO B 317 37.94 -36.61 11.40
N VAL B 318 36.64 -36.87 11.28
CA VAL B 318 35.65 -35.83 11.52
C VAL B 318 35.56 -35.48 13.00
N GLN B 319 35.99 -36.39 13.87
CA GLN B 319 35.63 -36.34 15.28
C GLN B 319 36.37 -35.21 16.01
N LEU B 320 35.61 -34.41 16.73
CA LEU B 320 36.17 -33.30 17.49
C LEU B 320 36.92 -33.81 18.71
N PRO B 322 38.33 -34.37 22.42
CA PRO B 322 37.76 -34.46 23.77
C PRO B 322 38.25 -33.33 24.68
N ASP B 323 37.52 -33.09 25.76
CA ASP B 323 37.68 -31.92 26.59
C ASP B 323 38.01 -32.34 28.02
N ASP B 324 39.08 -31.76 28.58
CA ASP B 324 39.49 -32.09 29.94
C ASP B 324 38.72 -31.26 30.95
N ASP B 325 38.22 -31.92 32.00
CA ASP B 325 37.26 -31.31 32.92
C ASP B 325 37.74 -29.97 33.45
N ASP B 326 39.04 -29.83 33.71
CA ASP B 326 39.53 -28.66 34.43
C ASP B 326 39.45 -27.41 33.57
N ILE B 327 39.76 -27.54 32.29
CA ILE B 327 39.94 -26.36 31.46
C ILE B 327 38.58 -25.88 30.93
N VAL B 328 37.72 -26.81 30.54
CA VAL B 328 36.43 -26.44 29.95
C VAL B 328 35.53 -25.80 31.01
N ARG B 329 35.54 -26.35 32.23
CA ARG B 329 34.74 -25.76 33.30
C ARG B 329 35.24 -24.36 33.64
N LYS B 330 36.56 -24.16 33.53
CA LYS B 330 37.18 -22.94 33.99
C LYS B 330 36.71 -21.72 33.24
N ILE B 331 36.43 -21.84 31.94
CA ILE B 331 36.14 -20.67 31.13
C ILE B 331 34.89 -19.98 31.66
N ASP B 332 34.83 -18.67 31.44
CA ASP B 332 33.71 -17.86 31.90
C ASP B 332 32.71 -17.73 30.76
N GLN B 333 31.50 -18.24 30.99
CA GLN B 333 30.45 -18.21 30.01
C GLN B 333 29.63 -16.93 30.08
N SER B 334 29.99 -16.01 30.97
CA SER B 334 29.37 -14.69 30.95
C SER B 334 29.69 -13.99 29.64
N GLU B 335 30.92 -14.18 29.13
CA GLU B 335 31.33 -13.52 27.91
C GLU B 335 30.49 -13.96 26.72
N PHE B 336 30.12 -15.24 26.69
CA PHE B 336 29.37 -15.83 25.59
C PHE B 336 27.88 -15.63 25.88
N GLU B 337 27.44 -14.39 25.73
CA GLU B 337 26.07 -14.03 26.04
C GLU B 337 25.34 -13.68 24.77
N GLY B 338 24.06 -14.08 24.69
CA GLY B 338 23.29 -13.80 23.50
C GLY B 338 23.94 -14.32 22.24
N PHE B 339 24.39 -15.57 22.27
CA PHE B 339 25.04 -16.17 21.10
C PHE B 339 23.99 -16.78 20.17
N GLU B 340 23.04 -15.94 19.77
CA GLU B 340 21.98 -16.34 18.87
C GLU B 340 21.75 -15.23 17.87
N TYR B 341 21.29 -15.63 16.68
CA TYR B 341 21.11 -14.71 15.58
C TYR B 341 20.35 -13.47 16.03
N ILE B 342 21.00 -12.32 15.92
CA ILE B 342 20.41 -11.05 16.31
C ILE B 342 20.79 -10.03 15.25
N ASN B 343 20.10 -8.88 15.28
CA ASN B 343 20.29 -7.81 14.30
C ASN B 343 20.51 -8.37 12.90
N PRO B 344 19.62 -9.24 12.41
CA PRO B 344 19.88 -9.86 11.11
C PRO B 344 19.90 -8.84 9.98
N ASP C 12 -19.13 18.92 2.28
CA ASP C 12 -19.95 19.34 3.42
C ASP C 12 -19.23 20.39 4.25
N LEU C 13 -18.96 21.53 3.64
CA LEU C 13 -18.20 22.59 4.30
C LEU C 13 -19.09 23.36 5.26
N LEU C 14 -18.58 23.62 6.46
CA LEU C 14 -19.37 24.29 7.50
C LEU C 14 -18.92 25.73 7.76
N ARG C 15 -17.64 25.93 8.06
CA ARG C 15 -17.07 27.24 8.27
C ARG C 15 -15.78 27.37 7.47
N VAL C 16 -15.40 28.60 7.18
CA VAL C 16 -14.27 28.89 6.31
C VAL C 16 -13.15 29.49 7.15
N ILE C 17 -12.00 28.84 7.11
CA ILE C 17 -10.84 29.15 7.93
C ILE C 17 -9.74 29.56 6.95
N GLY C 18 -9.99 30.63 6.18
CA GLY C 18 -9.12 30.88 5.07
C GLY C 18 -8.73 32.34 4.98
N ARG C 19 -7.73 32.59 4.13
CA ARG C 19 -7.31 33.94 3.81
C ARG C 19 -7.84 34.39 2.46
N GLY C 20 -7.69 33.55 1.44
CA GLY C 20 -8.13 33.90 0.11
C GLY C 20 -7.08 34.65 -0.70
N SER C 21 -5.89 34.85 -0.13
CA SER C 21 -4.80 35.50 -0.84
C SER C 21 -4.38 34.61 -2.00
N TYR C 22 -3.96 33.40 -1.66
CA TYR C 22 -3.75 32.36 -2.64
C TYR C 22 -4.37 31.04 -2.20
N ALA C 23 -5.01 31.01 -1.03
CA ALA C 23 -5.58 29.77 -0.55
C ALA C 23 -6.68 30.06 0.47
N LYS C 24 -7.58 29.09 0.60
CA LYS C 24 -8.70 29.17 1.52
C LYS C 24 -8.85 27.83 2.20
N VAL C 25 -8.74 27.83 3.53
CA VAL C 25 -8.89 26.63 4.34
C VAL C 25 -10.30 26.65 4.93
N LEU C 26 -10.89 25.47 5.15
CA LEU C 26 -12.24 25.43 5.67
C LEU C 26 -12.51 24.07 6.29
N LEU C 27 -13.49 24.06 7.19
CA LEU C 27 -13.84 22.85 7.91
C LEU C 27 -14.70 21.94 7.04
N VAL C 28 -14.49 20.63 7.18
CA VAL C 28 -15.22 19.64 6.39
C VAL C 28 -15.65 18.50 7.30
N ARG C 29 -16.49 17.62 6.73
CA ARG C 29 -17.02 16.50 7.49
C ARG C 29 -17.19 15.29 6.57
N LEU C 30 -17.23 14.12 7.19
CA LEU C 30 -17.49 12.86 6.50
C LEU C 30 -18.66 12.13 7.15
N ASP C 34 -17.04 9.64 10.37
CA ASP C 34 -17.70 10.92 10.59
C ASP C 34 -16.80 11.89 11.36
N ARG C 35 -15.79 12.42 10.69
CA ARG C 35 -14.69 13.13 11.35
C ARG C 35 -14.65 14.59 10.89
N ILE C 36 -14.77 15.50 11.85
CA ILE C 36 -14.71 16.92 11.54
C ILE C 36 -13.26 17.32 11.24
N TYR C 37 -13.01 17.69 9.99
CA TYR C 37 -11.65 17.92 9.52
C TYR C 37 -11.57 19.27 8.82
N ALA C 38 -10.34 19.71 8.56
CA ALA C 38 -10.08 20.99 7.91
C ALA C 38 -9.38 20.74 6.58
N MET C 39 -9.82 21.45 5.55
CA MET C 39 -9.33 21.26 4.20
C MET C 39 -8.86 22.59 3.63
N LYS C 40 -7.96 22.54 2.65
CA LYS C 40 -7.35 23.73 2.06
C LYS C 40 -7.59 23.77 0.55
N VAL C 41 -8.07 24.91 0.06
CA VAL C 41 -8.39 25.09 -1.36
C VAL C 41 -7.40 26.07 -1.97
N VAL C 42 -6.61 25.57 -2.92
CA VAL C 42 -5.69 26.39 -3.69
C VAL C 42 -6.20 26.42 -5.11
N LYS C 43 -6.42 27.60 -5.64
CA LYS C 43 -6.91 27.70 -7.01
C LYS C 43 -5.88 27.10 -7.96
N LYS C 44 -6.38 26.40 -8.98
CA LYS C 44 -5.48 25.73 -9.92
C LYS C 44 -4.77 26.74 -10.82
N GLU C 45 -5.41 27.88 -11.07
CA GLU C 45 -4.90 28.81 -12.09
C GLU C 45 -3.58 29.43 -11.66
N LEU C 46 -3.42 29.70 -10.37
CA LEU C 46 -2.22 30.38 -9.90
C LEU C 46 -0.98 29.51 -10.10
N VAL C 47 -1.09 28.21 -9.82
CA VAL C 47 0.09 27.36 -9.72
C VAL C 47 0.45 26.75 -11.06
N ASN C 48 -0.48 26.77 -12.02
CA ASN C 48 -0.26 26.04 -13.26
C ASN C 48 0.80 26.71 -14.14
N ASP C 49 0.81 28.05 -14.15
CA ASP C 49 1.64 28.77 -15.11
C ASP C 49 3.14 28.50 -14.87
N ASP C 50 3.94 28.91 -15.85
CA ASP C 50 5.37 28.67 -15.79
C ASP C 50 6.01 29.41 -14.62
N GLU C 51 6.89 28.72 -13.91
CA GLU C 51 7.62 29.16 -12.73
C GLU C 51 6.73 29.18 -11.47
N ASP C 52 5.42 29.03 -11.61
CA ASP C 52 4.52 28.98 -10.47
C ASP C 52 4.20 27.56 -10.01
N ILE C 53 4.83 26.56 -10.61
CA ILE C 53 4.48 25.16 -10.35
C ILE C 53 4.96 24.68 -8.98
N ASP C 54 6.08 25.23 -8.50
CA ASP C 54 6.90 24.50 -7.53
C ASP C 54 6.26 24.44 -6.15
N TRP C 55 5.42 25.42 -5.80
CA TRP C 55 4.94 25.50 -4.43
C TRP C 55 4.03 24.33 -4.07
N VAL C 56 2.99 24.09 -4.88
CA VAL C 56 2.05 23.03 -4.53
C VAL C 56 2.77 21.70 -4.38
N GLN C 57 3.66 21.39 -5.32
CA GLN C 57 4.41 20.13 -5.23
C GLN C 57 5.24 20.07 -3.95
N THR C 58 5.81 21.21 -3.56
CA THR C 58 6.59 21.25 -2.33
C THR C 58 5.74 20.87 -1.13
N GLU C 59 4.51 21.36 -1.07
CA GLU C 59 3.64 21.10 0.08
C GLU C 59 3.45 19.60 0.29
N LYS C 60 3.13 18.87 -0.78
CA LYS C 60 2.87 17.44 -0.66
C LYS C 60 4.11 16.70 -0.17
N HIS C 61 5.29 17.07 -0.68
CA HIS C 61 6.51 16.38 -0.29
C HIS C 61 6.84 16.61 1.18
N VAL C 62 6.74 17.87 1.63
CA VAL C 62 6.75 18.15 3.06
C VAL C 62 5.78 17.21 3.77
N PHE C 63 4.49 17.37 3.47
CA PHE C 63 3.44 16.59 4.13
C PHE C 63 3.83 15.12 4.22
N GLU C 64 4.23 14.52 3.10
CA GLU C 64 4.68 13.14 3.12
C GLU C 64 5.79 12.93 4.15
N GLN C 65 6.86 13.71 4.06
CA GLN C 65 7.95 13.59 5.02
C GLN C 65 7.54 14.11 6.40
N ALA C 66 6.60 15.06 6.43
CA ALA C 66 6.31 15.80 7.66
C ALA C 66 5.17 15.19 8.45
N SER C 67 4.19 14.60 7.77
CA SER C 67 3.01 14.05 8.43
C SER C 67 3.37 13.05 9.52
N ASN C 68 4.46 12.32 9.34
CA ASN C 68 4.86 11.30 10.31
C ASN C 68 5.19 11.90 11.65
N HIS C 69 5.87 13.04 11.63
CA HIS C 69 6.36 13.67 12.85
C HIS C 69 5.22 14.04 13.79
N PRO C 70 5.52 14.24 15.07
CA PRO C 70 4.48 14.69 16.02
C PRO C 70 4.13 16.17 15.93
N PHE C 71 5.08 17.03 15.57
CA PHE C 71 4.82 18.46 15.65
C PHE C 71 4.48 19.08 14.31
N LEU C 72 4.25 18.26 13.30
CA LEU C 72 3.86 18.71 11.98
C LEU C 72 2.57 18.01 11.61
N VAL C 73 1.56 18.79 11.24
CA VAL C 73 0.27 18.20 10.94
C VAL C 73 0.42 17.20 9.80
N GLY C 74 -0.47 16.23 9.78
CA GLY C 74 -0.50 15.20 8.75
C GLY C 74 -1.73 15.38 7.89
N LEU C 75 -1.58 15.10 6.60
CA LEU C 75 -2.65 15.24 5.64
C LEU C 75 -3.17 13.84 5.31
N HIS C 76 -4.47 13.64 5.50
CA HIS C 76 -5.08 12.34 5.24
C HIS C 76 -5.19 12.10 3.74
N SER C 77 -5.85 12.99 3.02
CA SER C 77 -6.13 12.75 1.62
C SER C 77 -6.11 14.05 0.84
N CYS C 78 -6.08 13.91 -0.48
CA CYS C 78 -6.07 15.03 -1.39
C CYS C 78 -7.17 14.84 -2.43
N PHE C 79 -7.87 15.92 -2.72
CA PHE C 79 -8.96 15.93 -3.68
C PHE C 79 -8.58 16.83 -4.84
N GLN C 80 -8.99 16.44 -6.04
CA GLN C 80 -8.69 17.20 -7.24
C GLN C 80 -9.97 17.53 -7.98
N THR C 81 -10.21 18.82 -8.20
CA THR C 81 -11.21 19.22 -9.16
C THR C 81 -10.52 19.99 -10.27
N GLU C 82 -11.30 20.34 -11.30
CA GLU C 82 -10.74 20.98 -12.47
C GLU C 82 -10.21 22.37 -12.15
N SER C 83 -10.86 23.06 -11.21
CA SER C 83 -10.54 24.45 -10.91
C SER C 83 -9.67 24.63 -9.67
N ARG C 84 -9.55 23.62 -8.83
CA ARG C 84 -8.94 23.78 -7.52
C ARG C 84 -8.36 22.47 -7.02
N LEU C 85 -7.42 22.58 -6.08
CA LEU C 85 -6.74 21.46 -5.45
C LEU C 85 -7.04 21.50 -3.95
N PHE C 86 -7.53 20.40 -3.40
CA PHE C 86 -8.03 20.36 -2.03
C PHE C 86 -7.16 19.44 -1.19
N PHE C 87 -6.69 19.95 -0.05
CA PHE C 87 -5.91 19.19 0.92
C PHE C 87 -6.75 18.98 2.17
N VAL C 88 -7.04 17.72 2.50
CA VAL C 88 -7.78 17.38 3.71
C VAL C 88 -6.81 17.19 4.87
N ILE C 89 -7.01 17.96 5.94
CA ILE C 89 -6.00 18.07 6.99
C ILE C 89 -6.66 17.77 8.33
N GLU C 90 -5.82 17.42 9.31
CA GLU C 90 -6.31 17.23 10.66
C GLU C 90 -6.61 18.58 11.31
N TYR C 91 -7.57 18.58 12.23
CA TYR C 91 -8.04 19.78 12.90
C TYR C 91 -7.50 19.79 14.32
N VAL C 92 -6.94 20.92 14.74
CA VAL C 92 -6.41 21.09 16.09
C VAL C 92 -7.20 22.18 16.78
N ASN C 93 -7.85 21.82 17.89
CA ASN C 93 -8.81 22.70 18.55
C ASN C 93 -8.19 23.55 19.65
N GLY C 94 -6.89 23.45 19.90
CA GLY C 94 -6.28 24.25 20.95
C GLY C 94 -6.22 25.72 20.59
N GLY C 95 -5.66 26.03 19.43
CA GLY C 95 -5.68 27.39 18.94
C GLY C 95 -4.30 27.90 18.57
N ASP C 96 -4.28 29.00 17.83
CA ASP C 96 -3.02 29.62 17.44
C ASP C 96 -2.44 30.43 18.60
N LEU C 97 -1.12 30.57 18.58
CA LEU C 97 -0.46 31.31 19.66
C LEU C 97 -0.78 32.79 19.59
N MET C 98 -0.93 33.35 18.38
CA MET C 98 -1.36 34.74 18.24
C MET C 98 -2.55 35.05 19.14
N PHE C 99 -3.57 34.17 19.10
CA PHE C 99 -4.71 34.36 19.98
C PHE C 99 -4.32 34.28 21.45
N HIS C 100 -3.32 33.47 21.77
CA HIS C 100 -2.90 33.38 23.16
C HIS C 100 -2.30 34.70 23.61
N MET C 101 -1.59 35.40 22.72
CA MET C 101 -1.03 36.70 23.08
C MET C 101 -2.13 37.70 23.38
N GLN C 102 -3.26 37.60 22.67
CA GLN C 102 -4.40 38.44 23.00
C GLN C 102 -4.88 38.15 24.42
N ARG C 103 -5.20 36.89 24.68
CA ARG C 103 -5.67 36.49 26.01
C ARG C 103 -4.62 36.83 27.06
N GLN C 104 -3.38 36.38 26.87
CA GLN C 104 -2.29 36.61 27.80
C GLN C 104 -1.22 37.39 27.04
N ARG C 105 -1.15 38.70 27.29
CA ARG C 105 -0.30 39.56 26.45
C ARG C 105 1.16 39.11 26.49
N LYS C 106 1.65 38.73 27.67
CA LYS C 106 3.01 38.24 27.82
C LYS C 106 2.93 36.85 28.47
N LEU C 107 3.43 35.85 27.75
CA LEU C 107 3.37 34.50 28.27
C LEU C 107 4.50 34.28 29.28
N PRO C 108 4.34 33.31 30.18
CA PRO C 108 5.42 33.02 31.12
C PRO C 108 6.60 32.41 30.41
N GLU C 109 7.76 32.47 31.07
CA GLU C 109 8.97 31.94 30.49
C GLU C 109 8.89 30.41 30.36
N GLU C 110 8.22 29.75 31.30
CA GLU C 110 8.14 28.29 31.25
C GLU C 110 7.14 27.85 30.20
N HIS C 111 6.15 28.68 29.90
CA HIS C 111 5.26 28.38 28.78
C HIS C 111 6.02 28.47 27.47
N ALA C 112 6.94 29.43 27.36
CA ALA C 112 7.62 29.66 26.09
C ALA C 112 8.58 28.53 25.77
N ARG C 113 9.16 27.90 26.77
CA ARG C 113 10.14 26.84 26.49
C ARG C 113 9.46 25.62 25.94
N PHE C 114 8.30 25.25 26.49
CA PHE C 114 7.57 24.12 25.92
C PHE C 114 7.24 24.38 24.46
N TYR C 115 6.71 25.57 24.18
CA TYR C 115 6.36 25.93 22.82
C TYR C 115 7.60 26.06 21.95
N SER C 116 8.57 26.86 22.38
CA SER C 116 9.72 27.14 21.52
C SER C 116 10.57 25.89 21.31
N ALA C 117 10.66 25.04 22.35
CA ALA C 117 11.45 23.81 22.23
C ALA C 117 10.76 22.82 21.32
N GLU C 118 9.45 22.66 21.50
CA GLU C 118 8.69 21.81 20.58
C GLU C 118 8.82 22.29 19.15
N ILE C 119 8.63 23.59 18.91
CA ILE C 119 8.77 24.11 17.55
C ILE C 119 10.15 23.78 17.00
N SER C 120 11.19 23.98 17.83
CA SER C 120 12.56 23.81 17.35
C SER C 120 12.84 22.37 16.95
N LEU C 121 12.16 21.42 17.59
CA LEU C 121 12.32 20.01 17.19
C LEU C 121 11.67 19.75 15.85
N ALA C 122 10.54 20.40 15.59
CA ALA C 122 9.91 20.28 14.29
C ALA C 122 10.83 20.81 13.20
N LEU C 123 11.34 22.03 13.40
CA LEU C 123 12.15 22.68 12.38
C LEU C 123 13.43 21.90 12.10
N ASN C 124 13.95 21.18 13.10
CA ASN C 124 15.15 20.41 12.84
C ASN C 124 14.84 19.16 12.02
N TYR C 125 13.69 18.53 12.28
CA TYR C 125 13.23 17.50 11.37
C TYR C 125 13.25 18.02 9.94
N LEU C 126 12.65 19.19 9.72
CA LEU C 126 12.55 19.76 8.38
C LEU C 126 13.93 20.01 7.78
N HIS C 127 14.85 20.58 8.55
CA HIS C 127 16.18 20.88 8.01
C HIS C 127 16.95 19.60 7.72
N GLU C 128 16.75 18.57 8.55
CA GLU C 128 17.48 17.33 8.39
C GLU C 128 17.04 16.55 7.16
N ARG C 129 15.92 16.93 6.54
CA ARG C 129 15.45 16.30 5.31
C ARG C 129 15.46 17.26 4.13
N GLY C 130 15.80 18.52 4.36
CA GLY C 130 15.89 19.48 3.26
C GLY C 130 14.66 20.35 3.14
N ILE C 131 14.23 20.95 4.25
CA ILE C 131 13.00 21.72 4.26
C ILE C 131 13.19 22.93 5.17
N ILE C 132 12.81 24.11 4.69
CA ILE C 132 12.70 25.31 5.49
C ILE C 132 11.23 25.69 5.53
N TYR C 133 10.69 25.87 6.73
CA TYR C 133 9.29 26.26 6.85
C TYR C 133 9.02 27.56 6.11
N ARG C 134 9.77 28.62 6.45
CA ARG C 134 9.75 29.92 5.79
C ARG C 134 8.41 30.66 5.94
N ASP C 135 7.47 30.14 6.71
CA ASP C 135 6.22 30.85 6.99
C ASP C 135 5.95 30.91 8.49
N LEU C 136 7.00 31.04 9.29
CA LEU C 136 6.82 30.95 10.73
C LEU C 136 6.18 32.22 11.27
N LYS C 137 5.01 32.06 11.87
CA LYS C 137 4.25 33.16 12.43
C LYS C 137 3.53 32.63 13.67
N LEU C 138 2.97 33.56 14.45
CA LEU C 138 2.23 33.15 15.64
C LEU C 138 0.93 32.45 15.25
N ASP C 139 0.31 32.88 14.15
CA ASP C 139 -0.95 32.28 13.74
C ASP C 139 -0.73 30.86 13.21
N ASN C 140 0.44 30.60 12.64
CA ASN C 140 0.67 29.29 12.02
C ASN C 140 0.79 28.19 13.07
N VAL C 141 1.43 28.50 14.20
CA VAL C 141 1.49 27.57 15.31
C VAL C 141 0.10 27.33 15.84
N LEU C 142 -0.26 26.06 16.01
CA LEU C 142 -1.58 25.71 16.48
C LEU C 142 -1.47 24.72 17.63
N LEU C 143 -2.43 24.77 18.53
CA LEU C 143 -2.40 23.97 19.75
C LEU C 143 -3.30 22.76 19.57
N ASP C 144 -2.87 21.63 20.12
CA ASP C 144 -3.67 20.43 20.03
C ASP C 144 -4.61 20.34 21.24
N SER C 145 -5.43 19.29 21.24
CA SER C 145 -6.36 19.09 22.35
C SER C 145 -5.64 18.64 23.60
N GLU C 146 -4.39 18.18 23.47
CA GLU C 146 -3.61 17.83 24.64
C GLU C 146 -2.86 19.04 25.19
N GLY C 147 -2.59 20.02 24.34
CA GLY C 147 -1.78 21.17 24.70
C GLY C 147 -0.54 21.33 23.87
N HIS C 148 -0.37 20.47 22.87
CA HIS C 148 0.85 20.50 22.08
C HIS C 148 0.69 21.45 20.89
N ILE C 149 1.79 21.71 20.20
CA ILE C 149 1.80 22.66 19.11
C ILE C 149 2.06 21.94 17.79
N LYS C 150 1.37 22.38 16.76
CA LYS C 150 1.57 21.90 15.40
C LYS C 150 1.55 23.11 14.47
N LEU C 151 2.33 23.03 13.40
CA LEU C 151 2.52 24.14 12.49
C LEU C 151 1.83 23.84 11.17
N THR C 152 1.32 24.89 10.54
CA THR C 152 0.50 24.77 9.35
C THR C 152 0.98 25.76 8.30
N ASP C 153 0.33 25.74 7.14
CA ASP C 153 0.69 26.64 6.03
C ASP C 153 2.07 26.29 5.48
N TYR C 154 2.20 25.04 5.01
CA TYR C 154 3.44 24.60 4.37
C TYR C 154 3.40 24.96 2.88
N GLY C 155 3.35 26.27 2.65
CA GLY C 155 3.23 26.77 1.30
C GLY C 155 4.42 27.54 0.77
N MET C 156 4.98 28.38 1.61
CA MET C 156 6.14 29.17 1.24
C MET C 156 7.44 28.39 1.41
N CYS C 157 7.37 27.16 1.90
CA CYS C 157 8.57 26.38 2.19
C CYS C 157 9.36 26.08 0.92
N LYS C 158 10.66 25.86 1.09
CA LYS C 158 11.56 25.48 0.01
C LYS C 158 12.25 24.17 0.35
N GLU C 159 12.32 23.26 -0.62
CA GLU C 159 12.74 21.90 -0.38
C GLU C 159 13.86 21.49 -1.33
N GLY C 160 14.51 20.38 -0.99
CA GLY C 160 15.57 19.85 -1.81
C GLY C 160 16.92 20.48 -1.58
N LEU C 161 17.02 21.44 -0.67
CA LEU C 161 18.28 22.10 -0.34
C LEU C 161 19.03 21.24 0.68
N ARG C 162 20.28 20.93 0.36
CA ARG C 162 21.12 20.01 1.10
C ARG C 162 22.09 20.81 1.98
N PRO C 163 23.11 20.19 2.63
CA PRO C 163 23.94 20.99 3.56
C PRO C 163 24.77 22.08 2.89
N GLY C 164 25.32 21.86 1.70
CA GLY C 164 26.16 22.84 1.06
C GLY C 164 25.44 23.76 0.07
N ASP C 165 24.14 23.60 -0.11
CA ASP C 165 23.40 24.28 -1.15
C ASP C 165 22.64 25.48 -0.58
N THR C 166 22.72 26.61 -1.28
CA THR C 166 22.06 27.84 -0.88
C THR C 166 21.33 28.39 -2.10
N THR C 167 20.09 28.81 -1.91
CA THR C 167 19.30 29.36 -3.00
C THR C 167 18.77 30.73 -2.60
N SER C 168 18.78 31.65 -3.56
CA SER C 168 18.34 33.01 -3.30
C SER C 168 16.90 33.21 -3.76
N PHE C 170 13.17 35.26 -2.24
CA PHE C 170 12.58 36.10 -1.22
C PHE C 170 11.28 35.46 -0.80
N CYS C 171 11.32 34.83 0.37
CA CYS C 171 10.14 34.29 1.01
C CYS C 171 10.07 34.94 2.39
N GLY C 172 9.00 35.69 2.65
CA GLY C 172 9.06 36.40 3.92
C GLY C 172 7.73 36.82 4.49
N THR C 173 7.78 37.03 5.81
CA THR C 173 6.79 37.75 6.57
C THR C 173 7.43 39.02 7.09
N PRO C 174 6.79 40.18 6.95
CA PRO C 174 7.47 41.45 7.29
C PRO C 174 7.86 41.54 8.76
N ASN C 175 6.94 41.22 9.66
CA ASN C 175 7.23 41.37 11.08
C ASN C 175 8.40 40.48 11.50
N TYR C 176 8.44 39.24 10.98
CA TYR C 176 9.43 38.25 11.36
C TYR C 176 10.53 38.12 10.32
N ILE C 177 10.87 39.22 9.65
CA ILE C 177 11.79 39.14 8.52
C ILE C 177 13.20 38.90 9.03
N ALA C 178 14.01 38.31 8.19
CA ALA C 178 15.35 38.08 8.65
C ALA C 178 16.33 38.91 7.83
N PRO C 179 17.49 39.22 8.40
CA PRO C 179 18.41 40.16 7.71
C PRO C 179 18.94 39.65 6.38
N GLU C 180 19.48 38.44 6.33
CA GLU C 180 20.14 37.97 5.11
C GLU C 180 19.19 37.99 3.91
N ILE C 181 17.91 37.74 4.16
CA ILE C 181 16.92 37.79 3.07
C ILE C 181 16.71 39.23 2.62
N LEU C 182 16.63 40.16 3.58
CA LEU C 182 16.43 41.56 3.24
C LEU C 182 17.62 42.13 2.49
N ARG C 183 18.83 41.67 2.83
CA ARG C 183 20.01 42.19 2.16
C ARG C 183 19.95 41.93 0.67
N GLY C 184 19.43 40.77 0.26
CA GLY C 184 19.60 40.29 -1.09
C GLY C 184 20.71 39.28 -1.24
N GLU C 185 21.20 38.74 -0.12
CA GLU C 185 22.25 37.73 -0.13
C GLU C 185 21.64 36.34 -0.12
N ASP C 186 22.45 35.35 -0.50
CA ASP C 186 22.00 33.97 -0.48
C ASP C 186 21.67 33.56 0.94
N TYR C 187 20.60 32.78 1.08
CA TYR C 187 20.07 32.43 2.39
C TYR C 187 19.94 30.92 2.50
N GLY C 188 20.08 30.44 3.72
CA GLY C 188 19.91 29.02 3.98
C GLY C 188 18.83 28.80 5.01
N PHE C 189 19.05 27.84 5.89
CA PHE C 189 18.07 27.49 6.91
C PHE C 189 18.10 28.44 8.11
N SER C 190 18.87 29.51 8.02
CA SER C 190 19.06 30.39 9.18
C SER C 190 17.79 31.15 9.51
N VAL C 191 16.95 31.41 8.51
CA VAL C 191 15.85 32.34 8.70
C VAL C 191 14.84 31.78 9.70
N ASP C 192 14.75 30.45 9.78
CA ASP C 192 13.73 29.84 10.65
C ASP C 192 14.06 30.04 12.12
N TRP C 193 15.36 30.03 12.47
CA TRP C 193 15.72 30.31 13.85
C TRP C 193 15.47 31.76 14.20
N TRP C 194 15.81 32.68 13.29
CA TRP C 194 15.50 34.09 13.50
C TRP C 194 14.05 34.28 13.93
N ALA C 195 13.11 33.72 13.18
CA ALA C 195 11.69 33.91 13.48
C ALA C 195 11.35 33.39 14.87
N LEU C 196 11.94 32.26 15.25
CA LEU C 196 11.81 31.77 16.62
C LEU C 196 12.05 32.90 17.61
N GLY C 197 13.25 33.50 17.56
CA GLY C 197 13.54 34.65 18.39
C GLY C 197 12.36 35.58 18.53
N VAL C 198 11.84 36.08 17.40
CA VAL C 198 10.68 36.96 17.43
C VAL C 198 9.52 36.25 18.09
N LEU C 199 9.16 35.07 17.58
CA LEU C 199 8.10 34.27 18.17
C LEU C 199 8.36 34.08 19.66
N MET C 200 9.58 33.70 20.01
CA MET C 200 9.96 33.56 21.42
C MET C 200 9.90 34.92 22.12
N PHE C 201 10.20 35.98 21.37
CA PHE C 201 10.19 37.34 21.92
C PHE C 201 8.77 37.80 22.23
N GLU C 202 7.84 37.56 21.31
CA GLU C 202 6.46 38.00 21.50
C GLU C 202 5.80 37.32 22.69
N MET C 203 6.15 36.05 22.93
CA MET C 203 5.47 35.29 23.99
C MET C 203 5.87 35.79 25.36
N MET C 204 7.16 36.03 25.59
CA MET C 204 7.64 36.50 26.88
C MET C 204 7.54 38.02 27.01
N ALA C 205 7.94 38.75 25.97
CA ALA C 205 8.11 40.20 26.09
C ALA C 205 6.84 40.94 25.70
N GLY C 206 5.97 40.31 24.92
CA GLY C 206 4.63 40.83 24.72
C GLY C 206 4.43 41.71 23.50
N ARG C 207 5.50 42.10 22.81
CA ARG C 207 5.35 42.84 21.56
C ARG C 207 6.53 42.49 20.67
N SER C 208 6.51 43.09 19.49
CA SER C 208 7.61 42.98 18.55
C SER C 208 8.60 44.12 18.82
N PRO C 209 9.84 44.01 18.33
CA PRO C 209 10.78 45.12 18.60
C PRO C 209 10.33 46.42 17.97
N PHE C 210 9.78 46.35 16.75
CA PHE C 210 9.37 47.55 16.03
C PHE C 210 8.18 48.21 16.72
N ASP C 211 7.12 47.44 16.95
CA ASP C 211 5.90 47.93 17.57
C ASP C 211 6.16 48.63 18.89
N GLU C 224 5.86 50.59 7.25
CA GLU C 224 6.00 49.35 6.49
C GLU C 224 7.47 49.08 6.22
N ASP C 225 7.98 49.69 5.15
CA ASP C 225 9.40 49.59 4.84
C ASP C 225 10.26 50.00 6.04
N TYR C 226 9.79 50.99 6.81
CA TYR C 226 10.55 51.47 7.96
C TYR C 226 10.87 50.33 8.92
N LEU C 227 9.93 49.39 9.09
CA LEU C 227 10.22 48.18 9.85
C LEU C 227 11.45 47.47 9.31
N PHE C 228 11.49 47.24 8.00
CA PHE C 228 12.59 46.49 7.40
C PHE C 228 13.90 47.19 7.66
N GLN C 229 13.95 48.49 7.41
CA GLN C 229 15.16 49.25 7.70
C GLN C 229 15.49 49.19 9.18
N VAL C 230 14.49 49.42 10.03
CA VAL C 230 14.73 49.52 11.46
C VAL C 230 15.35 48.22 11.98
N ILE C 231 14.66 47.09 11.81
CA ILE C 231 15.22 45.83 12.28
C ILE C 231 16.62 45.64 11.74
N LEU C 232 16.85 46.00 10.47
CA LEU C 232 18.17 45.82 9.87
C LEU C 232 19.19 46.79 10.46
N GLU C 233 18.75 47.99 10.81
CA GLU C 233 19.64 49.08 11.18
C GLU C 233 19.43 49.56 12.61
N LYS C 234 18.64 48.84 13.41
CA LYS C 234 18.44 49.16 14.82
C LYS C 234 19.22 48.16 15.66
N GLN C 235 19.91 48.67 16.68
CA GLN C 235 20.55 47.79 17.64
C GLN C 235 19.49 46.96 18.35
N ILE C 236 19.86 45.73 18.72
CA ILE C 236 18.91 44.86 19.37
C ILE C 236 18.52 45.44 20.73
N ARG C 237 17.22 45.39 21.04
CA ARG C 237 16.71 45.83 22.34
C ARG C 237 15.90 44.70 22.95
N ILE C 238 16.34 44.23 24.12
CA ILE C 238 15.68 43.20 24.89
C ILE C 238 15.10 43.87 26.13
N PRO C 239 13.82 43.71 26.45
CA PRO C 239 13.30 44.31 27.69
C PRO C 239 14.17 43.91 28.86
N ARG C 240 14.30 44.83 29.81
CA ARG C 240 15.13 44.56 30.97
C ARG C 240 14.46 43.56 31.90
N SER C 241 13.15 43.35 31.73
CA SER C 241 12.40 42.52 32.67
C SER C 241 12.68 41.04 32.49
N LEU C 242 13.13 40.63 31.31
CA LEU C 242 13.32 39.22 31.04
C LEU C 242 14.56 38.69 31.75
N SER C 243 14.63 37.37 31.86
CA SER C 243 15.75 36.74 32.54
C SER C 243 17.00 36.79 31.64
N VAL C 244 18.16 36.67 32.28
CA VAL C 244 19.40 36.84 31.52
C VAL C 244 19.59 35.68 30.55
N LYS C 245 19.14 34.48 30.93
CA LYS C 245 18.97 33.42 29.95
C LYS C 245 18.07 33.89 28.81
N ALA C 246 16.94 34.50 29.15
CA ALA C 246 15.99 34.95 28.13
C ALA C 246 16.64 35.97 27.20
N ALA C 247 17.39 36.92 27.75
CA ALA C 247 17.97 37.96 26.91
C ALA C 247 19.00 37.38 25.95
N SER C 248 19.84 36.46 26.44
CA SER C 248 20.94 35.99 25.60
C SER C 248 20.44 35.07 24.49
N VAL C 249 19.33 34.37 24.71
CA VAL C 249 18.80 33.56 23.62
C VAL C 249 18.23 34.48 22.54
N LEU C 250 17.56 35.56 22.95
CA LEU C 250 17.00 36.49 21.97
C LEU C 250 18.10 37.04 21.06
N LYS C 251 19.15 37.62 21.65
CA LYS C 251 20.21 38.22 20.85
C LYS C 251 20.92 37.16 19.98
N SER C 252 21.13 35.97 20.54
CA SER C 252 21.79 34.92 19.77
C SER C 252 20.90 34.45 18.62
N PHE C 253 19.63 34.19 18.91
CA PHE C 253 18.68 33.80 17.87
C PHE C 253 18.40 34.98 16.94
N LEU C 254 18.02 36.12 17.52
CA LEU C 254 17.79 37.35 16.77
C LEU C 254 19.12 38.08 16.57
N ASN C 255 19.98 37.49 15.75
CA ASN C 255 21.24 38.10 15.41
C ASN C 255 21.29 38.31 13.90
N LYS C 256 21.99 39.36 13.47
CA LYS C 256 21.97 39.72 12.06
C LYS C 256 22.80 38.76 11.23
N ASP C 257 23.92 38.31 11.74
CA ASP C 257 24.76 37.50 10.89
C ASP C 257 24.32 36.05 10.95
N PRO C 258 24.18 35.37 9.80
CA PRO C 258 23.75 33.96 9.84
C PRO C 258 24.77 33.03 10.48
N LYS C 259 26.06 33.23 10.22
CA LYS C 259 27.06 32.29 10.75
C LYS C 259 27.20 32.45 12.26
N GLU C 260 27.13 33.68 12.77
CA GLU C 260 27.16 33.89 14.21
C GLU C 260 25.89 33.38 14.90
N ARG C 261 24.83 33.15 14.14
CA ARG C 261 23.52 32.96 14.76
C ARG C 261 23.41 31.61 15.46
N LEU C 262 22.66 31.58 16.56
CA LEU C 262 22.46 30.36 17.30
C LEU C 262 21.58 29.40 16.51
N GLY C 263 22.01 28.14 16.43
CA GLY C 263 21.23 27.15 15.74
C GLY C 263 21.40 27.14 14.24
N CYS C 264 22.18 28.06 13.68
CA CYS C 264 22.57 28.01 12.28
C CYS C 264 23.94 27.38 12.08
N HIS C 265 24.46 26.70 13.10
CA HIS C 265 25.77 26.10 12.97
C HIS C 265 25.70 24.85 12.11
N PRO C 266 26.73 24.57 11.31
CA PRO C 266 26.64 23.47 10.34
C PRO C 266 26.62 22.08 10.95
N GLN C 267 27.32 21.85 12.06
CA GLN C 267 27.53 20.48 12.55
C GLN C 267 26.85 20.21 13.88
N THR C 268 27.19 20.99 14.91
CA THR C 268 26.61 20.85 16.25
C THR C 268 25.67 22.00 16.59
N GLY C 269 24.99 22.57 15.59
CA GLY C 269 24.15 23.72 15.85
C GLY C 269 23.00 23.41 16.78
N PHE C 270 22.22 22.39 16.43
CA PHE C 270 21.12 21.97 17.28
C PHE C 270 21.60 21.71 18.70
N ALA C 271 22.72 20.98 18.85
CA ALA C 271 23.26 20.66 20.16
C ALA C 271 23.36 21.89 21.05
N ASP C 272 23.78 23.01 20.47
CA ASP C 272 23.78 24.25 21.23
C ASP C 272 22.36 24.73 21.51
N ILE C 273 21.46 24.62 20.51
CA ILE C 273 20.07 24.98 20.75
C ILE C 273 19.53 24.24 21.96
N GLN C 274 19.84 22.95 22.06
CA GLN C 274 19.41 22.20 23.24
C GLN C 274 20.25 22.58 24.46
N GLY C 275 21.51 22.96 24.24
CA GLY C 275 22.43 23.17 25.35
C GLY C 275 22.38 24.56 25.93
N HIS C 276 21.72 25.50 25.25
CA HIS C 276 21.74 26.88 25.70
C HIS C 276 21.03 27.00 27.06
N PRO C 277 21.54 27.88 27.94
CA PRO C 277 20.99 27.98 29.30
C PRO C 277 19.48 28.12 29.40
N PHE C 278 18.83 28.71 28.39
CA PHE C 278 17.38 28.85 28.48
C PHE C 278 16.69 27.50 28.31
N PHE C 279 17.04 26.78 27.24
CA PHE C 279 16.45 25.48 26.96
C PHE C 279 17.38 24.32 27.30
N ARG C 280 18.34 24.51 28.21
CA ARG C 280 19.24 23.42 28.55
C ARG C 280 18.54 22.34 29.35
N ASN C 281 17.63 22.75 30.24
CA ASN C 281 17.11 21.82 31.23
C ASN C 281 16.13 20.82 30.62
N VAL C 282 15.55 21.15 29.47
CA VAL C 282 14.48 20.32 28.96
C VAL C 282 15.03 19.00 28.44
N ASP C 283 14.13 18.05 28.27
CA ASP C 283 14.46 16.69 27.85
C ASP C 283 13.90 16.51 26.45
N TRP C 284 14.78 16.51 25.46
CA TRP C 284 14.34 16.58 24.06
C TRP C 284 13.83 15.25 23.56
N ASP C 285 14.55 14.17 23.87
CA ASP C 285 14.07 12.85 23.52
C ASP C 285 12.76 12.54 24.21
N MET C 286 12.62 12.99 25.46
CA MET C 286 11.36 12.81 26.16
C MET C 286 10.31 13.81 25.68
N MET C 287 10.75 14.99 25.24
CA MET C 287 9.79 15.99 24.79
C MET C 287 9.12 15.57 23.49
N GLU C 288 9.85 14.85 22.64
CA GLU C 288 9.29 14.39 21.37
C GLU C 288 8.07 13.50 21.61
N GLN C 289 8.16 12.62 22.60
CA GLN C 289 7.01 11.85 23.03
C GLN C 289 6.09 12.75 23.84
N LYS C 290 4.93 12.24 24.21
CA LYS C 290 4.02 13.02 25.05
C LYS C 290 4.33 12.87 26.53
N GLN C 291 5.54 12.42 26.87
CA GLN C 291 5.87 12.18 28.27
C GLN C 291 5.91 13.48 29.07
N VAL C 292 6.27 14.58 28.40
CA VAL C 292 6.23 15.89 29.02
C VAL C 292 4.79 16.35 29.15
N VAL C 293 4.52 17.19 30.15
CA VAL C 293 3.17 17.60 30.52
C VAL C 293 2.99 19.07 30.10
N PRO C 294 1.87 19.42 29.48
CA PRO C 294 1.66 20.81 29.09
C PRO C 294 1.52 21.71 30.30
N PRO C 295 1.94 22.97 30.18
CA PRO C 295 1.78 23.89 31.32
C PRO C 295 0.32 24.16 31.64
N PHE C 296 -0.50 24.33 30.62
CA PHE C 296 -1.93 24.46 30.80
C PHE C 296 -2.65 23.77 29.64
N LYS C 297 -3.82 23.24 29.96
CA LYS C 297 -4.63 22.55 28.98
C LYS C 297 -5.19 23.55 27.97
N PRO C 298 -5.37 23.16 26.71
CA PRO C 298 -6.04 24.04 25.76
C PRO C 298 -7.53 24.09 26.03
N ASN C 299 -8.06 25.30 26.16
CA ASN C 299 -9.49 25.45 26.43
C ASN C 299 -10.30 24.86 25.29
N ILE C 300 -11.15 23.90 25.62
CA ILE C 300 -11.90 23.12 24.65
C ILE C 300 -13.39 23.33 24.91
N SER C 301 -14.12 23.70 23.87
CA SER C 301 -15.55 23.96 23.96
C SER C 301 -16.18 23.74 22.58
N GLY C 302 -17.38 23.18 22.58
CA GLY C 302 -18.10 22.96 21.34
C GLY C 302 -17.82 21.58 20.75
N GLU C 303 -18.70 21.19 19.82
CA GLU C 303 -18.60 19.86 19.21
C GLU C 303 -17.31 19.72 18.41
N PHE C 304 -17.00 20.73 17.60
CA PHE C 304 -15.81 20.72 16.79
C PHE C 304 -14.75 21.69 17.28
N GLY C 305 -14.90 22.25 18.48
CA GLY C 305 -13.95 23.23 18.95
C GLY C 305 -14.03 24.57 18.25
N LEU C 306 -15.04 24.75 17.38
CA LEU C 306 -15.14 25.98 16.60
C LEU C 306 -15.20 27.20 17.51
N ASP C 307 -15.91 27.09 18.63
CA ASP C 307 -16.00 28.18 19.55
C ASP C 307 -14.68 28.35 20.32
N ASN C 308 -14.58 29.45 21.05
CA ASN C 308 -13.32 29.84 21.69
C ASN C 308 -12.20 29.94 20.67
N PHE C 309 -12.46 30.65 19.57
CA PHE C 309 -11.50 30.82 18.50
C PHE C 309 -11.68 32.21 17.90
N ASP C 310 -10.70 32.63 17.10
CA ASP C 310 -10.75 33.96 16.52
C ASP C 310 -11.91 34.05 15.54
N SER C 311 -12.64 35.16 15.59
CA SER C 311 -13.80 35.37 14.73
C SER C 311 -13.37 36.23 13.54
N GLN C 312 -12.65 35.60 12.62
CA GLN C 312 -12.08 36.29 11.48
C GLN C 312 -12.56 35.65 10.20
N PHE C 313 -13.19 36.44 9.34
CA PHE C 313 -13.79 35.94 8.12
C PHE C 313 -12.92 36.23 6.90
N GLU C 316 -16.03 34.44 4.75
CA GLU C 316 -17.35 34.52 5.37
C GLU C 316 -18.39 33.67 4.64
N PRO C 317 -18.52 33.82 3.32
CA PRO C 317 -19.45 32.95 2.57
C PRO C 317 -18.80 31.60 2.33
N VAL C 318 -19.57 30.55 2.55
CA VAL C 318 -19.01 29.21 2.45
C VAL C 318 -18.82 28.81 0.99
N GLN C 319 -19.68 29.30 0.12
CA GLN C 319 -19.72 28.82 -1.26
C GLN C 319 -18.45 29.20 -2.01
N LEU C 320 -17.87 28.21 -2.67
CA LEU C 320 -16.65 28.41 -3.41
C LEU C 320 -16.94 29.30 -4.61
N PRO C 322 -17.24 30.84 -8.15
CA PRO C 322 -17.62 30.31 -9.46
C PRO C 322 -16.45 30.26 -10.44
N ASP C 323 -16.54 29.41 -11.45
CA ASP C 323 -15.45 29.21 -12.39
C ASP C 323 -15.79 29.81 -13.75
N ASP C 324 -14.80 30.43 -14.37
CA ASP C 324 -14.96 31.00 -15.71
C ASP C 324 -14.32 30.08 -16.73
N ASP C 325 -15.15 29.58 -17.66
CA ASP C 325 -14.72 28.52 -18.57
C ASP C 325 -13.49 28.92 -19.37
N ASP C 326 -13.31 30.21 -19.62
CA ASP C 326 -12.16 30.64 -20.41
C ASP C 326 -10.89 30.56 -19.60
N ILE C 327 -11.00 30.69 -18.28
CA ILE C 327 -9.83 30.66 -17.42
C ILE C 327 -9.57 29.23 -16.95
N VAL C 328 -10.64 28.51 -16.63
CA VAL C 328 -10.50 27.20 -16.02
C VAL C 328 -10.17 26.15 -17.08
N ARG C 329 -10.65 26.34 -18.31
CA ARG C 329 -10.32 25.42 -19.39
C ARG C 329 -8.90 25.65 -19.91
N LYS C 330 -8.25 26.71 -19.45
CA LYS C 330 -6.85 26.92 -19.85
C LYS C 330 -5.92 26.00 -19.08
N ILE C 331 -6.35 25.52 -17.91
CA ILE C 331 -5.47 24.78 -17.02
C ILE C 331 -5.11 23.43 -17.63
N ASP C 332 -3.82 23.09 -17.55
CA ASP C 332 -3.32 21.81 -18.03
C ASP C 332 -3.38 20.79 -16.91
N GLN C 333 -4.20 19.75 -17.09
CA GLN C 333 -4.36 18.73 -16.05
C GLN C 333 -3.25 17.69 -16.07
N SER C 334 -2.34 17.75 -17.04
CA SER C 334 -1.16 16.91 -16.98
C SER C 334 -0.36 17.20 -15.72
N GLU C 335 -0.23 18.48 -15.38
CA GLU C 335 0.51 18.84 -14.19
C GLU C 335 -0.17 18.30 -12.94
N PHE C 336 -1.49 18.19 -12.98
CA PHE C 336 -2.28 17.86 -11.79
C PHE C 336 -2.63 16.37 -11.77
N GLU C 337 -1.59 15.55 -11.87
CA GLU C 337 -1.77 14.11 -11.96
C GLU C 337 -1.06 13.44 -10.80
N GLY C 338 -1.61 12.29 -10.39
CA GLY C 338 -0.99 11.54 -9.31
C GLY C 338 -1.09 12.23 -7.96
N PHE C 339 -2.19 12.98 -7.74
CA PHE C 339 -2.41 13.64 -6.46
C PHE C 339 -2.88 12.61 -5.42
N GLU C 340 -1.93 11.78 -5.00
CA GLU C 340 -2.18 10.80 -3.97
C GLU C 340 -0.96 10.73 -3.05
N TYR C 341 -1.18 10.17 -1.87
CA TYR C 341 -0.11 10.01 -0.90
C TYR C 341 0.93 9.02 -1.41
N ILE C 342 2.15 9.53 -1.65
CA ILE C 342 3.30 8.68 -1.91
C ILE C 342 4.39 9.05 -0.92
N ASN C 343 5.44 8.22 -0.88
CA ASN C 343 6.48 8.14 0.15
C ASN C 343 5.94 8.54 1.52
N PRO C 344 4.75 8.06 1.92
CA PRO C 344 4.14 8.62 3.14
C PRO C 344 5.04 8.46 4.36
N PHE D 11 -54.02 -21.25 -21.31
CA PHE D 11 -53.18 -20.10 -21.66
C PHE D 11 -53.43 -19.69 -23.10
N ASP D 12 -54.01 -18.50 -23.28
CA ASP D 12 -54.36 -17.97 -24.59
C ASP D 12 -53.82 -16.56 -24.71
N LEU D 13 -53.29 -16.22 -25.89
CA LEU D 13 -52.60 -14.95 -26.10
C LEU D 13 -53.32 -14.17 -27.20
N LEU D 14 -53.73 -12.94 -26.89
CA LEU D 14 -54.57 -12.17 -27.81
C LEU D 14 -53.72 -11.54 -28.91
N ARG D 15 -52.73 -10.73 -28.53
CA ARG D 15 -52.09 -9.85 -29.49
C ARG D 15 -50.65 -9.59 -29.09
N VAL D 16 -49.88 -9.11 -30.05
CA VAL D 16 -48.51 -8.66 -29.85
C VAL D 16 -48.58 -7.19 -29.45
N ILE D 17 -48.36 -6.93 -28.17
CA ILE D 17 -48.42 -5.59 -27.63
C ILE D 17 -47.19 -4.79 -28.07
N GLY D 18 -46.01 -5.36 -27.89
CA GLY D 18 -44.80 -4.74 -28.37
C GLY D 18 -43.68 -5.75 -28.49
N ARG D 19 -42.56 -5.28 -29.02
CA ARG D 19 -41.38 -6.10 -29.17
C ARG D 19 -40.14 -5.26 -28.87
N GLY D 20 -39.07 -5.94 -28.46
CA GLY D 20 -37.83 -5.27 -28.17
C GLY D 20 -36.66 -6.16 -28.54
N SER D 21 -35.49 -5.54 -28.56
CA SER D 21 -34.27 -6.23 -28.98
C SER D 21 -33.98 -7.42 -28.06
N TYR D 22 -34.07 -7.21 -26.75
CA TYR D 22 -33.76 -8.26 -25.80
C TYR D 22 -34.99 -9.02 -25.33
N ALA D 23 -36.19 -8.49 -25.59
CA ALA D 23 -37.38 -9.13 -25.09
C ALA D 23 -38.55 -8.79 -26.00
N LYS D 24 -39.64 -9.54 -25.85
CA LYS D 24 -40.85 -9.31 -26.61
C LYS D 24 -42.03 -9.44 -25.66
N VAL D 25 -42.91 -8.45 -25.69
CA VAL D 25 -43.98 -8.33 -24.72
C VAL D 25 -45.28 -8.64 -25.42
N LEU D 26 -46.05 -9.54 -24.84
CA LEU D 26 -47.24 -10.09 -25.47
C LEU D 26 -48.34 -10.18 -24.45
N LEU D 27 -49.51 -9.71 -24.85
CA LEU D 27 -50.69 -9.90 -24.03
C LEU D 27 -50.97 -11.39 -23.84
N VAL D 28 -51.52 -11.75 -22.69
CA VAL D 28 -51.90 -13.12 -22.42
C VAL D 28 -53.23 -13.09 -21.67
N ARG D 29 -53.91 -14.23 -21.65
CA ARG D 29 -55.10 -14.43 -20.83
C ARG D 29 -55.03 -15.82 -20.23
N LEU D 30 -56.05 -16.14 -19.44
CA LEU D 30 -56.07 -17.40 -18.69
C LEU D 30 -57.05 -18.40 -19.28
N ASP D 34 -60.60 -14.98 -18.94
CA ASP D 34 -60.89 -14.38 -17.63
C ASP D 34 -60.41 -12.94 -17.60
N ARG D 35 -59.13 -12.75 -17.29
CA ARG D 35 -58.53 -11.43 -17.14
C ARG D 35 -57.36 -11.29 -18.09
N ILE D 36 -57.29 -10.16 -18.80
CA ILE D 36 -56.24 -9.95 -19.78
C ILE D 36 -55.01 -9.42 -19.07
N TYR D 37 -53.87 -10.06 -19.34
CA TYR D 37 -52.62 -9.77 -18.67
C TYR D 37 -51.51 -9.69 -19.71
N ALA D 38 -50.45 -8.97 -19.36
CA ALA D 38 -49.34 -8.75 -20.27
C ALA D 38 -48.21 -9.68 -19.89
N MET D 39 -47.52 -10.21 -20.90
CA MET D 39 -46.45 -11.16 -20.68
C MET D 39 -45.23 -10.73 -21.46
N LYS D 40 -44.08 -10.80 -20.81
CA LYS D 40 -42.80 -10.51 -21.41
C LYS D 40 -42.05 -11.83 -21.61
N VAL D 41 -41.56 -12.06 -22.82
CA VAL D 41 -40.86 -13.28 -23.17
C VAL D 41 -39.41 -12.94 -23.41
N VAL D 42 -38.54 -13.46 -22.56
CA VAL D 42 -37.10 -13.25 -22.66
C VAL D 42 -36.49 -14.56 -23.10
N LYS D 43 -35.90 -14.57 -24.30
CA LYS D 43 -35.22 -15.77 -24.74
C LYS D 43 -34.08 -16.05 -23.78
N LYS D 44 -33.83 -17.35 -23.56
CA LYS D 44 -32.95 -17.72 -22.45
C LYS D 44 -31.48 -17.72 -22.85
N GLU D 45 -31.16 -17.32 -24.07
CA GLU D 45 -29.76 -17.30 -24.50
C GLU D 45 -29.01 -16.11 -23.90
N LEU D 46 -29.66 -14.95 -23.83
CA LEU D 46 -29.01 -13.76 -23.28
C LEU D 46 -28.65 -13.93 -21.81
N VAL D 47 -29.49 -14.64 -21.06
CA VAL D 47 -29.37 -14.58 -19.61
C VAL D 47 -28.38 -15.62 -19.09
N ASN D 48 -28.15 -16.70 -19.85
CA ASN D 48 -27.45 -17.83 -19.25
C ASN D 48 -26.03 -17.48 -18.82
N ASP D 49 -25.31 -16.70 -19.63
CA ASP D 49 -23.90 -16.47 -19.34
C ASP D 49 -23.74 -15.99 -17.90
N ASP D 50 -22.68 -16.46 -17.26
CA ASP D 50 -22.47 -16.10 -15.85
C ASP D 50 -22.29 -14.60 -15.70
N GLU D 51 -21.63 -13.97 -16.67
CA GLU D 51 -21.41 -12.52 -16.64
C GLU D 51 -22.73 -11.77 -16.80
N ASP D 52 -23.64 -12.29 -17.61
CA ASP D 52 -24.88 -11.63 -17.95
C ASP D 52 -26.09 -12.23 -17.23
N ILE D 53 -25.85 -12.92 -16.11
CA ILE D 53 -26.93 -13.55 -15.35
C ILE D 53 -27.92 -12.54 -14.82
N ASP D 54 -27.44 -11.33 -14.51
CA ASP D 54 -28.09 -10.51 -13.49
C ASP D 54 -29.42 -9.94 -13.94
N TRP D 55 -29.66 -9.86 -15.25
CA TRP D 55 -30.78 -9.05 -15.73
C TRP D 55 -32.12 -9.58 -15.23
N VAL D 56 -32.39 -10.87 -15.44
CA VAL D 56 -33.65 -11.45 -14.98
C VAL D 56 -33.87 -11.17 -13.51
N GLN D 57 -32.93 -11.60 -12.67
CA GLN D 57 -33.09 -11.46 -11.23
C GLN D 57 -33.18 -10.00 -10.81
N THR D 58 -32.36 -9.13 -11.42
CA THR D 58 -32.38 -7.73 -11.02
C THR D 58 -33.77 -7.14 -11.24
N GLU D 59 -34.37 -7.45 -12.39
CA GLU D 59 -35.79 -7.18 -12.59
C GLU D 59 -36.64 -7.83 -11.50
N LYS D 60 -36.35 -9.09 -11.18
CA LYS D 60 -37.27 -9.87 -10.35
C LYS D 60 -37.44 -9.23 -8.97
N HIS D 61 -36.37 -8.63 -8.43
CA HIS D 61 -36.50 -7.99 -7.14
C HIS D 61 -37.26 -6.68 -7.27
N VAL D 62 -37.17 -6.03 -8.43
CA VAL D 62 -37.90 -4.78 -8.63
C VAL D 62 -39.39 -5.01 -8.50
N PHE D 63 -39.97 -5.88 -9.35
CA PHE D 63 -41.41 -6.10 -9.24
C PHE D 63 -41.76 -6.55 -7.84
N GLU D 64 -40.93 -7.41 -7.25
CA GLU D 64 -41.14 -7.78 -5.86
C GLU D 64 -41.21 -6.54 -4.99
N GLN D 65 -40.06 -5.90 -4.78
CA GLN D 65 -39.98 -4.75 -3.88
C GLN D 65 -40.99 -3.67 -4.27
N ALA D 66 -41.27 -3.51 -5.56
CA ALA D 66 -42.10 -2.42 -6.03
C ALA D 66 -43.51 -2.86 -6.45
N SER D 67 -43.94 -4.07 -6.10
CA SER D 67 -45.30 -4.48 -6.43
C SER D 67 -46.33 -3.68 -5.65
N ASN D 68 -45.95 -3.21 -4.46
CA ASN D 68 -46.91 -2.61 -3.55
C ASN D 68 -47.29 -1.21 -3.99
N HIS D 69 -46.38 -0.52 -4.66
CA HIS D 69 -46.58 0.89 -4.90
C HIS D 69 -47.57 1.13 -6.04
N PRO D 70 -48.29 2.27 -6.01
CA PRO D 70 -49.34 2.53 -7.01
C PRO D 70 -48.84 2.71 -8.44
N PHE D 71 -47.66 3.29 -8.63
CA PHE D 71 -47.20 3.65 -9.97
C PHE D 71 -46.18 2.64 -10.51
N LEU D 72 -45.98 1.54 -9.80
CA LEU D 72 -45.11 0.47 -10.25
C LEU D 72 -45.96 -0.77 -10.50
N VAL D 73 -45.79 -1.33 -11.69
CA VAL D 73 -46.62 -2.43 -12.14
C VAL D 73 -46.37 -3.67 -11.28
N GLY D 74 -47.45 -4.44 -11.03
CA GLY D 74 -47.35 -5.61 -10.19
C GLY D 74 -47.43 -6.90 -10.99
N LEU D 75 -46.88 -7.95 -10.38
CA LEU D 75 -46.50 -9.18 -11.07
C LEU D 75 -47.48 -10.30 -10.67
N HIS D 76 -48.23 -10.79 -11.65
CA HIS D 76 -49.19 -11.86 -11.39
C HIS D 76 -48.48 -13.20 -11.22
N SER D 77 -47.71 -13.61 -12.22
CA SER D 77 -47.05 -14.90 -12.18
C SER D 77 -45.86 -14.90 -13.12
N CYS D 78 -45.02 -15.92 -12.94
CA CYS D 78 -43.83 -16.16 -13.74
C CYS D 78 -43.79 -17.64 -14.04
N PHE D 79 -43.59 -17.99 -15.30
CA PHE D 79 -43.40 -19.39 -15.66
C PHE D 79 -42.24 -19.49 -16.64
N GLN D 80 -41.71 -20.69 -16.74
CA GLN D 80 -40.47 -20.94 -17.44
C GLN D 80 -40.63 -22.18 -18.32
N THR D 81 -40.12 -22.09 -19.53
CA THR D 81 -39.94 -23.27 -20.35
C THR D 81 -38.46 -23.37 -20.69
N GLU D 82 -38.13 -24.37 -21.51
CA GLU D 82 -36.75 -24.57 -21.91
C GLU D 82 -36.27 -23.42 -22.79
N SER D 83 -37.13 -22.95 -23.69
CA SER D 83 -36.75 -21.89 -24.61
C SER D 83 -36.72 -20.55 -23.89
N ARG D 84 -37.78 -20.23 -23.15
CA ARG D 84 -38.13 -18.86 -22.82
C ARG D 84 -38.54 -18.73 -21.36
N LEU D 85 -38.48 -17.49 -20.87
CA LEU D 85 -38.91 -17.13 -19.53
C LEU D 85 -40.04 -16.12 -19.63
N PHE D 86 -41.15 -16.43 -18.96
CA PHE D 86 -42.36 -15.64 -19.10
C PHE D 86 -42.64 -14.88 -17.80
N PHE D 87 -43.02 -13.61 -17.93
CA PHE D 87 -43.40 -12.76 -16.82
C PHE D 87 -44.81 -12.24 -17.09
N VAL D 88 -45.74 -12.43 -16.15
CA VAL D 88 -47.11 -11.99 -16.35
C VAL D 88 -47.39 -10.78 -15.48
N ILE D 89 -47.47 -9.61 -16.12
CA ILE D 89 -47.70 -8.34 -15.45
C ILE D 89 -49.12 -7.89 -15.78
N GLU D 90 -49.66 -7.04 -14.91
CA GLU D 90 -50.97 -6.44 -15.14
C GLU D 90 -50.97 -5.62 -16.42
N TYR D 91 -52.16 -5.35 -16.94
CA TYR D 91 -52.33 -4.62 -18.19
C TYR D 91 -52.95 -3.25 -17.91
N VAL D 92 -52.34 -2.21 -18.45
CA VAL D 92 -52.80 -0.82 -18.33
C VAL D 92 -53.23 -0.37 -19.72
N ASN D 93 -54.52 -0.06 -19.88
CA ASN D 93 -55.09 0.12 -21.22
C ASN D 93 -55.33 1.56 -21.62
N GLY D 94 -54.75 2.54 -20.91
CA GLY D 94 -55.07 3.93 -21.19
C GLY D 94 -54.20 4.57 -22.25
N GLY D 95 -52.95 4.14 -22.34
CA GLY D 95 -52.10 4.66 -23.38
C GLY D 95 -50.73 5.08 -22.86
N ASP D 96 -49.74 5.00 -23.74
CA ASP D 96 -48.43 5.51 -23.43
C ASP D 96 -48.39 7.02 -23.65
N LEU D 97 -47.42 7.67 -23.00
CA LEU D 97 -47.34 9.11 -23.13
C LEU D 97 -46.85 9.53 -24.50
N MET D 98 -46.06 8.68 -25.16
CA MET D 98 -45.62 8.99 -26.52
C MET D 98 -46.80 9.10 -27.47
N PHE D 99 -47.83 8.29 -27.23
CA PHE D 99 -49.04 8.42 -28.04
C PHE D 99 -49.78 9.71 -27.70
N HIS D 100 -49.90 10.03 -26.42
CA HIS D 100 -50.46 11.33 -26.03
C HIS D 100 -49.76 12.46 -26.73
N MET D 101 -48.44 12.35 -26.89
CA MET D 101 -47.72 13.36 -27.63
C MET D 101 -48.19 13.40 -29.08
N GLN D 102 -48.56 12.25 -29.64
CA GLN D 102 -49.10 12.21 -30.98
C GLN D 102 -50.52 12.78 -31.03
N ARG D 103 -51.39 12.30 -30.13
CA ARG D 103 -52.74 12.85 -30.06
C ARG D 103 -52.70 14.32 -29.67
N GLN D 104 -51.94 14.66 -28.64
CA GLN D 104 -51.73 16.04 -28.22
C GLN D 104 -50.25 16.36 -28.35
N ARG D 105 -49.90 17.14 -29.37
CA ARG D 105 -48.49 17.48 -29.58
C ARG D 105 -47.92 18.19 -28.36
N LYS D 106 -48.74 18.98 -27.67
CA LYS D 106 -48.34 19.68 -26.46
C LYS D 106 -49.40 19.48 -25.39
N LEU D 107 -48.95 19.34 -24.16
CA LEU D 107 -49.76 19.08 -22.99
C LEU D 107 -49.71 20.26 -22.03
N PRO D 108 -50.81 20.57 -21.35
CA PRO D 108 -50.82 21.70 -20.43
C PRO D 108 -49.84 21.50 -19.28
N GLU D 109 -49.64 22.58 -18.52
CA GLU D 109 -48.74 22.53 -17.37
C GLU D 109 -49.30 21.64 -16.27
N GLU D 110 -50.62 21.69 -16.06
CA GLU D 110 -51.21 20.94 -14.96
C GLU D 110 -51.16 19.44 -15.22
N HIS D 111 -51.24 19.04 -16.48
CA HIS D 111 -51.07 17.63 -16.77
C HIS D 111 -49.67 17.16 -16.44
N ALA D 112 -48.67 18.03 -16.65
CA ALA D 112 -47.31 17.66 -16.34
C ALA D 112 -47.10 17.48 -14.84
N ARG D 113 -47.73 18.32 -14.02
CA ARG D 113 -47.46 18.26 -12.58
C ARG D 113 -48.06 16.99 -11.97
N PHE D 114 -49.27 16.63 -12.37
CA PHE D 114 -49.80 15.33 -11.98
C PHE D 114 -48.84 14.24 -12.42
N TYR D 115 -48.51 14.22 -13.71
CA TYR D 115 -47.64 13.17 -14.24
C TYR D 115 -46.23 13.27 -13.68
N SER D 116 -45.64 14.48 -13.67
CA SER D 116 -44.24 14.61 -13.23
C SER D 116 -44.08 14.17 -11.79
N ALA D 117 -44.97 14.62 -10.91
CA ALA D 117 -44.80 14.35 -9.48
C ALA D 117 -45.06 12.89 -9.18
N GLU D 118 -46.02 12.29 -9.88
CA GLU D 118 -46.32 10.88 -9.68
C GLU D 118 -45.12 10.02 -10.07
N ILE D 119 -44.43 10.40 -11.13
CA ILE D 119 -43.24 9.64 -11.53
C ILE D 119 -42.17 9.75 -10.45
N SER D 120 -42.02 10.92 -9.84
CA SER D 120 -40.99 11.10 -8.82
C SER D 120 -41.26 10.21 -7.62
N LEU D 121 -42.53 9.98 -7.29
CA LEU D 121 -42.85 9.20 -6.09
C LEU D 121 -42.48 7.74 -6.27
N ALA D 122 -42.74 7.19 -7.46
CA ALA D 122 -42.25 5.86 -7.76
C ALA D 122 -40.73 5.84 -7.77
N LEU D 123 -40.12 6.80 -8.45
CA LEU D 123 -38.66 6.91 -8.47
C LEU D 123 -38.09 6.94 -7.06
N ASN D 124 -38.68 7.73 -6.18
CA ASN D 124 -38.11 7.85 -4.84
C ASN D 124 -38.23 6.55 -4.06
N TYR D 125 -39.38 5.87 -4.15
CA TYR D 125 -39.49 4.52 -3.61
C TYR D 125 -38.31 3.68 -4.08
N LEU D 126 -38.11 3.64 -5.40
CA LEU D 126 -37.00 2.86 -5.95
C LEU D 126 -35.66 3.38 -5.48
N HIS D 127 -35.54 4.69 -5.28
CA HIS D 127 -34.26 5.25 -4.85
C HIS D 127 -33.95 4.89 -3.41
N GLU D 128 -34.92 5.05 -2.51
CA GLU D 128 -34.67 4.73 -1.12
C GLU D 128 -34.42 3.23 -0.95
N ARG D 129 -35.24 2.40 -1.59
CA ARG D 129 -35.08 0.95 -1.46
C ARG D 129 -33.75 0.51 -2.07
N GLY D 130 -33.30 1.19 -3.12
CA GLY D 130 -32.02 0.88 -3.72
C GLY D 130 -32.14 0.47 -5.16
N ILE D 131 -33.02 1.14 -5.92
CA ILE D 131 -33.27 0.79 -7.31
C ILE D 131 -33.27 2.05 -8.17
N ILE D 132 -32.73 1.93 -9.38
CA ILE D 132 -32.73 2.99 -10.38
C ILE D 132 -33.47 2.45 -11.60
N TYR D 133 -34.45 3.20 -12.10
CA TYR D 133 -35.20 2.72 -13.26
C TYR D 133 -34.31 2.71 -14.51
N ARG D 134 -33.63 3.82 -14.79
CA ARG D 134 -32.69 3.98 -15.89
C ARG D 134 -33.31 3.73 -17.27
N ASP D 135 -34.60 3.38 -17.33
CA ASP D 135 -35.31 3.24 -18.60
C ASP D 135 -36.35 4.33 -18.76
N LEU D 136 -36.15 5.46 -18.09
CA LEU D 136 -37.18 6.48 -18.06
C LEU D 136 -37.34 7.12 -19.43
N LYS D 137 -38.57 7.14 -19.90
CA LYS D 137 -38.88 7.61 -21.23
C LYS D 137 -40.40 7.71 -21.32
N LEU D 138 -40.86 8.40 -22.36
CA LEU D 138 -42.29 8.58 -22.52
C LEU D 138 -42.98 7.24 -22.73
N ASP D 139 -42.29 6.29 -23.35
CA ASP D 139 -42.93 5.03 -23.72
C ASP D 139 -43.10 4.12 -22.51
N ASN D 140 -42.26 4.28 -21.48
CA ASN D 140 -42.27 3.33 -20.38
C ASN D 140 -43.30 3.72 -19.32
N VAL D 141 -43.63 5.00 -19.24
CA VAL D 141 -44.78 5.38 -18.44
C VAL D 141 -46.04 5.15 -19.26
N LEU D 142 -47.06 4.63 -18.62
CA LEU D 142 -48.30 4.25 -19.27
C LEU D 142 -49.43 4.64 -18.36
N LEU D 143 -50.59 4.92 -18.94
CA LEU D 143 -51.73 5.36 -18.16
C LEU D 143 -52.68 4.20 -17.96
N ASP D 144 -53.03 3.94 -16.71
CA ASP D 144 -54.10 3.01 -16.43
C ASP D 144 -55.43 3.59 -16.92
N SER D 145 -56.51 2.86 -16.68
CA SER D 145 -57.82 3.35 -17.07
C SER D 145 -58.29 4.46 -16.13
N GLU D 146 -57.80 4.46 -14.90
CA GLU D 146 -58.13 5.54 -13.97
C GLU D 146 -57.48 6.85 -14.41
N GLY D 147 -56.34 6.77 -15.10
CA GLY D 147 -55.62 7.94 -15.54
C GLY D 147 -54.25 8.09 -14.95
N HIS D 148 -53.95 7.36 -13.88
CA HIS D 148 -52.65 7.47 -13.26
C HIS D 148 -51.60 6.90 -14.21
N ILE D 149 -50.35 6.94 -13.77
CA ILE D 149 -49.25 6.41 -14.57
C ILE D 149 -48.68 5.20 -13.84
N LYS D 150 -48.21 4.24 -14.62
CA LYS D 150 -47.45 3.11 -14.11
C LYS D 150 -46.22 2.94 -14.99
N LEU D 151 -45.06 2.77 -14.36
CA LEU D 151 -43.81 2.63 -15.09
C LEU D 151 -43.64 1.20 -15.58
N THR D 152 -42.78 1.02 -16.57
CA THR D 152 -42.60 -0.32 -17.15
C THR D 152 -41.17 -0.48 -17.64
N ASP D 153 -40.94 -1.62 -18.29
CA ASP D 153 -39.63 -2.03 -18.76
C ASP D 153 -38.58 -1.83 -17.67
N TYR D 154 -38.70 -2.65 -16.63
CA TYR D 154 -37.71 -2.65 -15.55
C TYR D 154 -36.53 -3.52 -16.00
N GLY D 155 -35.90 -3.07 -17.09
CA GLY D 155 -34.88 -3.86 -17.74
C GLY D 155 -33.49 -3.33 -17.52
N MET D 156 -33.35 -2.00 -17.59
CA MET D 156 -32.08 -1.34 -17.32
C MET D 156 -31.92 -0.94 -15.87
N CYS D 157 -32.67 -1.55 -14.96
CA CYS D 157 -32.63 -1.12 -13.58
C CYS D 157 -31.41 -1.67 -12.85
N LYS D 158 -30.97 -0.94 -11.83
CA LYS D 158 -29.88 -1.35 -10.95
C LYS D 158 -30.39 -1.44 -9.52
N GLU D 159 -29.91 -2.44 -8.79
CA GLU D 159 -30.34 -2.62 -7.42
C GLU D 159 -29.17 -2.98 -6.52
N GLY D 160 -29.38 -2.82 -5.22
CA GLY D 160 -28.48 -3.32 -4.20
C GLY D 160 -27.55 -2.28 -3.61
N LEU D 161 -27.73 -1.01 -3.96
CA LEU D 161 -26.72 0.03 -3.75
C LEU D 161 -27.45 1.32 -3.40
N ARG D 162 -27.61 1.59 -2.11
CA ARG D 162 -28.50 2.72 -1.85
C ARG D 162 -27.72 3.92 -1.28
N PRO D 163 -27.17 3.86 -0.04
CA PRO D 163 -26.33 4.98 0.39
C PRO D 163 -24.87 4.82 -0.06
N GLY D 164 -24.48 5.63 -1.04
CA GLY D 164 -23.09 5.88 -1.33
C GLY D 164 -22.43 4.97 -2.33
N ASP D 165 -23.16 4.55 -3.37
CA ASP D 165 -22.62 3.66 -4.37
C ASP D 165 -23.17 4.07 -5.73
N THR D 166 -22.27 4.29 -6.69
CA THR D 166 -22.66 4.54 -8.06
C THR D 166 -21.90 3.56 -8.94
N THR D 167 -22.60 2.92 -9.86
CA THR D 167 -22.04 1.86 -10.68
C THR D 167 -21.90 2.34 -12.12
N SER D 168 -20.69 2.17 -12.67
CA SER D 168 -20.44 2.53 -14.06
C SER D 168 -20.86 1.41 -15.00
N PHE D 170 -23.02 1.33 -18.36
CA PHE D 170 -23.69 2.22 -19.32
C PHE D 170 -24.94 1.61 -19.89
N CYS D 171 -26.07 2.20 -19.54
CA CYS D 171 -27.36 1.88 -20.12
C CYS D 171 -28.13 3.19 -20.19
N GLY D 172 -28.70 3.46 -21.35
CA GLY D 172 -29.45 4.70 -21.47
C GLY D 172 -30.08 4.77 -22.84
N THR D 173 -30.83 5.81 -23.00
CA THR D 173 -31.49 6.13 -24.23
C THR D 173 -30.93 7.43 -24.76
N PRO D 174 -30.75 7.57 -26.09
CA PRO D 174 -30.02 8.74 -26.61
C PRO D 174 -30.64 10.08 -26.21
N ASN D 175 -31.95 10.23 -26.33
CA ASN D 175 -32.58 11.50 -25.98
C ASN D 175 -32.42 11.78 -24.49
N TYR D 176 -32.84 10.83 -23.66
CA TYR D 176 -32.83 10.96 -22.19
C TYR D 176 -31.49 10.55 -21.60
N ILE D 177 -30.40 10.86 -22.30
CA ILE D 177 -29.08 10.40 -21.92
C ILE D 177 -28.48 11.40 -20.96
N ALA D 178 -28.12 10.94 -19.78
CA ALA D 178 -27.55 11.85 -18.80
C ALA D 178 -26.07 12.07 -19.09
N PRO D 179 -25.58 13.30 -18.95
CA PRO D 179 -24.15 13.55 -19.24
C PRO D 179 -23.19 12.64 -18.48
N GLU D 180 -23.27 12.61 -17.13
CA GLU D 180 -22.36 11.78 -16.33
C GLU D 180 -22.25 10.37 -16.89
N ILE D 181 -23.35 9.86 -17.44
CA ILE D 181 -23.29 8.64 -18.21
C ILE D 181 -22.49 8.85 -19.49
N LEU D 182 -22.87 9.85 -20.28
CA LEU D 182 -22.21 10.09 -21.57
C LEU D 182 -20.78 10.59 -21.38
N ARG D 183 -20.56 11.48 -20.41
CA ARG D 183 -19.22 11.98 -20.12
C ARG D 183 -18.29 10.85 -19.65
N GLY D 184 -18.85 9.82 -19.03
CA GLY D 184 -18.08 8.69 -18.60
C GLY D 184 -17.86 8.59 -17.11
N GLU D 185 -18.31 9.58 -16.33
CA GLU D 185 -18.09 9.44 -14.91
C GLU D 185 -19.13 8.49 -14.32
N ASP D 186 -18.88 8.08 -13.08
CA ASP D 186 -19.84 7.21 -12.40
C ASP D 186 -21.15 7.94 -12.21
N TYR D 187 -22.25 7.23 -12.42
CA TYR D 187 -23.57 7.81 -12.28
C TYR D 187 -24.32 7.08 -11.18
N GLY D 188 -25.14 7.82 -10.45
CA GLY D 188 -25.92 7.22 -9.39
C GLY D 188 -27.40 7.38 -9.64
N PHE D 189 -28.15 7.71 -8.59
CA PHE D 189 -29.58 7.92 -8.77
C PHE D 189 -29.89 9.30 -9.32
N SER D 190 -28.86 10.12 -9.56
CA SER D 190 -29.09 11.44 -10.10
C SER D 190 -29.64 11.38 -11.52
N VAL D 191 -29.33 10.31 -12.24
CA VAL D 191 -29.61 10.28 -13.67
C VAL D 191 -31.12 10.29 -13.94
N ASP D 192 -31.90 9.82 -12.97
CA ASP D 192 -33.34 9.63 -13.20
C ASP D 192 -34.06 10.97 -13.31
N TRP D 193 -33.61 11.97 -12.56
CA TRP D 193 -34.27 13.27 -12.62
C TRP D 193 -34.05 13.93 -13.97
N TRP D 194 -32.84 13.81 -14.53
CA TRP D 194 -32.61 14.24 -15.90
C TRP D 194 -33.73 13.74 -16.81
N ALA D 195 -33.95 12.42 -16.82
CA ALA D 195 -34.94 11.82 -17.69
C ALA D 195 -36.34 12.40 -17.44
N LEU D 196 -36.70 12.56 -16.16
CA LEU D 196 -37.88 13.36 -15.85
C LEU D 196 -37.79 14.71 -16.55
N GLY D 197 -36.67 15.41 -16.37
CA GLY D 197 -36.51 16.73 -16.96
C GLY D 197 -36.75 16.74 -18.46
N VAL D 198 -36.07 15.84 -19.17
CA VAL D 198 -36.30 15.77 -20.61
C VAL D 198 -37.73 15.38 -20.90
N LEU D 199 -38.27 14.41 -20.14
CA LEU D 199 -39.67 14.05 -20.29
C LEU D 199 -40.57 15.24 -20.01
N MET D 200 -40.24 16.04 -19.00
CA MET D 200 -41.06 17.20 -18.67
C MET D 200 -40.94 18.26 -19.75
N PHE D 201 -39.72 18.44 -20.27
CA PHE D 201 -39.50 19.37 -21.37
C PHE D 201 -40.46 19.11 -22.52
N GLU D 202 -40.69 17.84 -22.86
CA GLU D 202 -41.40 17.53 -24.09
C GLU D 202 -42.90 17.77 -23.95
N MET D 203 -43.44 17.57 -22.75
CA MET D 203 -44.86 17.82 -22.54
C MET D 203 -45.16 19.31 -22.66
N MET D 204 -44.47 20.13 -21.88
CA MET D 204 -44.76 21.55 -21.85
C MET D 204 -44.32 22.22 -23.15
N ALA D 205 -43.15 21.82 -23.67
CA ALA D 205 -42.49 22.58 -24.74
C ALA D 205 -42.80 22.00 -26.11
N GLY D 206 -43.25 20.74 -26.18
CA GLY D 206 -43.66 20.15 -27.43
C GLY D 206 -42.57 19.43 -28.20
N ARG D 207 -41.33 19.40 -27.72
CA ARG D 207 -40.26 18.80 -28.49
C ARG D 207 -39.07 18.55 -27.57
N SER D 208 -38.16 17.69 -28.05
CA SER D 208 -36.90 17.48 -27.36
C SER D 208 -36.01 18.71 -27.52
N PRO D 209 -35.12 18.97 -26.55
CA PRO D 209 -34.28 20.17 -26.65
C PRO D 209 -33.33 20.14 -27.83
N PHE D 210 -32.95 18.95 -28.29
CA PHE D 210 -31.91 18.81 -29.31
C PHE D 210 -32.45 18.20 -30.59
N ASP D 211 -33.76 18.21 -30.78
CA ASP D 211 -34.39 17.73 -32.01
C ASP D 211 -34.02 16.27 -32.26
N ILE D 212 -34.49 15.39 -31.37
CA ILE D 212 -34.19 13.97 -31.45
C ILE D 212 -35.45 13.11 -31.30
N GLU D 224 -28.23 10.43 -34.98
CA GLU D 224 -27.31 9.33 -34.69
C GLU D 224 -26.62 9.55 -33.35
N ASP D 225 -25.31 9.34 -33.31
CA ASP D 225 -24.57 9.62 -32.09
C ASP D 225 -24.32 11.11 -31.90
N TYR D 226 -24.70 11.93 -32.87
CA TYR D 226 -24.37 13.35 -32.85
C TYR D 226 -25.03 14.07 -31.70
N LEU D 227 -26.27 13.66 -31.36
CA LEU D 227 -27.02 14.34 -30.32
C LEU D 227 -26.26 14.31 -29.00
N PHE D 228 -25.56 13.21 -28.72
CA PHE D 228 -24.76 13.11 -27.49
C PHE D 228 -23.89 14.35 -27.35
N GLN D 229 -23.14 14.66 -28.40
CA GLN D 229 -22.35 15.88 -28.43
C GLN D 229 -23.22 17.09 -28.18
N VAL D 230 -24.37 17.16 -28.86
CA VAL D 230 -25.23 18.33 -28.74
C VAL D 230 -25.65 18.53 -27.29
N ILE D 231 -26.21 17.49 -26.66
CA ILE D 231 -26.61 17.59 -25.26
C ILE D 231 -25.47 18.13 -24.42
N LEU D 232 -24.28 17.55 -24.58
CA LEU D 232 -23.19 17.80 -23.63
C LEU D 232 -22.64 19.22 -23.75
N GLU D 233 -22.67 19.79 -24.94
CA GLU D 233 -21.97 21.04 -25.20
C GLU D 233 -22.89 22.17 -25.67
N LYS D 234 -24.19 21.96 -25.72
CA LYS D 234 -25.13 22.97 -26.19
C LYS D 234 -25.87 23.59 -25.02
N GLN D 235 -25.86 24.91 -24.97
CA GLN D 235 -26.71 25.64 -24.03
C GLN D 235 -28.17 25.31 -24.30
N ILE D 236 -28.90 25.01 -23.23
CA ILE D 236 -30.28 24.57 -23.36
C ILE D 236 -31.16 25.77 -23.67
N ARG D 237 -32.17 25.56 -24.52
CA ARG D 237 -33.12 26.59 -24.88
C ARG D 237 -34.51 26.11 -24.50
N ILE D 238 -35.20 26.91 -23.71
CA ILE D 238 -36.54 26.61 -23.24
C ILE D 238 -37.48 27.55 -23.99
N PRO D 239 -38.69 27.13 -24.34
CA PRO D 239 -39.59 28.05 -25.06
C PRO D 239 -39.88 29.29 -24.25
N ARG D 240 -40.08 30.41 -24.96
CA ARG D 240 -40.45 31.63 -24.26
C ARG D 240 -41.84 31.50 -23.64
N SER D 241 -42.70 30.66 -24.23
CA SER D 241 -44.09 30.57 -23.79
C SER D 241 -44.20 30.05 -22.36
N LEU D 242 -43.20 29.30 -21.90
CA LEU D 242 -43.32 28.55 -20.66
C LEU D 242 -43.10 29.46 -19.46
N SER D 243 -43.82 29.16 -18.38
CA SER D 243 -43.69 29.94 -17.16
C SER D 243 -42.26 29.87 -16.62
N VAL D 244 -41.92 30.84 -15.78
CA VAL D 244 -40.57 30.92 -15.22
C VAL D 244 -40.33 29.76 -14.27
N LYS D 245 -41.37 29.38 -13.51
CA LYS D 245 -41.34 28.11 -12.80
C LYS D 245 -40.87 27.00 -13.73
N ALA D 246 -41.58 26.81 -14.84
CA ALA D 246 -41.21 25.78 -15.80
C ALA D 246 -39.75 25.90 -16.20
N ALA D 247 -39.30 27.11 -16.53
CA ALA D 247 -37.88 27.32 -16.80
C ALA D 247 -37.04 26.90 -15.60
N SER D 248 -37.47 27.27 -14.40
CA SER D 248 -36.65 27.00 -13.22
C SER D 248 -36.63 25.52 -12.92
N VAL D 249 -37.75 24.83 -13.12
CA VAL D 249 -37.76 23.41 -12.82
C VAL D 249 -37.06 22.62 -13.93
N LEU D 250 -37.32 23.00 -15.18
CA LEU D 250 -36.58 22.41 -16.27
C LEU D 250 -35.08 22.62 -16.05
N LYS D 251 -34.67 23.86 -15.79
CA LYS D 251 -33.24 24.14 -15.66
C LYS D 251 -32.63 23.40 -14.46
N SER D 252 -33.38 23.34 -13.35
CA SER D 252 -32.85 22.69 -12.16
C SER D 252 -32.79 21.17 -12.35
N PHE D 253 -33.84 20.60 -12.95
CA PHE D 253 -33.86 19.16 -13.21
C PHE D 253 -33.01 18.82 -14.41
N LEU D 254 -32.88 19.76 -15.35
CA LEU D 254 -32.01 19.62 -16.52
C LEU D 254 -30.80 20.52 -16.33
N ASN D 255 -29.92 20.10 -15.42
CA ASN D 255 -28.63 20.73 -15.26
C ASN D 255 -27.55 19.69 -15.52
N LYS D 256 -26.43 20.12 -16.10
CA LYS D 256 -25.40 19.18 -16.54
C LYS D 256 -24.65 18.61 -15.35
N ASP D 257 -24.49 19.40 -14.32
CA ASP D 257 -23.70 18.97 -13.18
C ASP D 257 -24.52 18.01 -12.33
N PRO D 258 -24.03 16.79 -12.09
CA PRO D 258 -24.86 15.83 -11.33
C PRO D 258 -25.15 16.30 -9.92
N LYS D 259 -24.24 17.08 -9.32
CA LYS D 259 -24.47 17.55 -7.95
C LYS D 259 -25.37 18.78 -7.92
N GLU D 260 -25.42 19.52 -9.03
CA GLU D 260 -26.17 20.76 -9.06
C GLU D 260 -27.63 20.52 -9.45
N ARG D 261 -27.85 19.52 -10.29
CA ARG D 261 -29.17 19.21 -10.80
C ARG D 261 -30.13 18.88 -9.66
N LEU D 262 -31.36 19.35 -9.78
CA LEU D 262 -32.32 19.27 -8.68
C LEU D 262 -32.61 17.81 -8.33
N GLY D 263 -33.04 17.59 -7.09
CA GLY D 263 -33.41 16.26 -6.63
C GLY D 263 -32.27 15.27 -6.56
N CYS D 264 -31.07 15.63 -7.02
CA CYS D 264 -29.95 14.71 -6.91
C CYS D 264 -29.48 14.61 -5.46
N HIS D 265 -29.64 15.68 -4.68
CA HIS D 265 -29.06 15.75 -3.35
C HIS D 265 -29.74 14.75 -2.41
N PRO D 266 -28.98 14.06 -1.57
CA PRO D 266 -29.55 12.99 -0.74
C PRO D 266 -30.27 13.45 0.54
N GLN D 267 -29.90 14.62 1.07
CA GLN D 267 -30.39 15.03 2.38
C GLN D 267 -31.86 15.42 2.32
N THR D 268 -32.21 16.33 1.41
CA THR D 268 -33.55 16.89 1.30
C THR D 268 -34.01 16.88 -0.15
N GLY D 269 -33.55 15.88 -0.91
CA GLY D 269 -33.76 15.91 -2.35
C GLY D 269 -35.21 15.93 -2.75
N PHE D 270 -35.98 14.96 -2.25
CA PHE D 270 -37.39 14.92 -2.56
C PHE D 270 -38.10 16.17 -2.07
N ALA D 271 -37.70 16.69 -0.92
CA ALA D 271 -38.29 17.93 -0.40
C ALA D 271 -37.94 19.11 -1.30
N ASP D 272 -36.72 19.12 -1.85
CA ASP D 272 -36.32 20.24 -2.69
C ASP D 272 -37.18 20.32 -3.94
N ILE D 273 -37.28 19.22 -4.69
CA ILE D 273 -38.16 19.22 -5.86
C ILE D 273 -39.61 19.39 -5.43
N GLN D 274 -39.94 18.91 -4.23
CA GLN D 274 -41.24 19.25 -3.63
C GLN D 274 -41.29 20.72 -3.28
N GLY D 275 -40.14 21.35 -3.07
CA GLY D 275 -40.13 22.74 -2.63
C GLY D 275 -40.25 23.71 -3.77
N HIS D 276 -39.83 23.29 -4.98
CA HIS D 276 -39.83 24.16 -6.13
C HIS D 276 -41.18 24.83 -6.33
N PRO D 277 -41.21 26.00 -6.98
CA PRO D 277 -42.50 26.68 -7.18
C PRO D 277 -43.46 25.88 -8.05
N PHE D 278 -42.95 25.20 -9.07
CA PHE D 278 -43.83 24.55 -10.04
C PHE D 278 -44.62 23.42 -9.40
N PHE D 279 -44.01 22.68 -8.48
CA PHE D 279 -44.66 21.57 -7.81
C PHE D 279 -45.09 21.89 -6.39
N ARG D 280 -44.93 23.15 -5.96
CA ARG D 280 -45.28 23.51 -4.59
C ARG D 280 -46.75 23.18 -4.30
N ASN D 281 -47.63 23.43 -5.26
CA ASN D 281 -49.07 23.37 -5.03
C ASN D 281 -49.53 21.96 -4.68
N VAL D 282 -48.75 20.96 -5.08
CA VAL D 282 -49.20 19.58 -5.12
C VAL D 282 -49.26 19.01 -3.70
N ASP D 283 -50.06 17.94 -3.54
CA ASP D 283 -50.11 17.19 -2.29
C ASP D 283 -49.62 15.78 -2.58
N TRP D 284 -48.46 15.45 -2.01
CA TRP D 284 -47.76 14.22 -2.36
C TRP D 284 -48.29 13.04 -1.54
N ASP D 285 -48.54 13.27 -0.25
CA ASP D 285 -49.13 12.23 0.58
C ASP D 285 -50.57 11.95 0.17
N MET D 286 -51.26 12.99 -0.26
CA MET D 286 -52.56 12.78 -0.86
C MET D 286 -52.42 11.96 -2.14
N MET D 287 -51.65 12.47 -3.10
CA MET D 287 -51.61 11.89 -4.45
C MET D 287 -51.26 10.42 -4.45
N GLU D 288 -50.41 9.99 -3.52
CA GLU D 288 -50.03 8.59 -3.42
C GLU D 288 -51.24 7.65 -3.41
N GLN D 289 -52.31 8.05 -2.75
CA GLN D 289 -53.45 7.17 -2.59
C GLN D 289 -54.56 7.50 -3.59
N LYS D 290 -54.21 8.17 -4.69
CA LYS D 290 -55.14 8.61 -5.73
C LYS D 290 -56.09 9.68 -5.23
N GLN D 291 -55.59 10.60 -4.41
CA GLN D 291 -56.50 11.58 -3.82
C GLN D 291 -56.66 12.80 -4.71
N VAL D 292 -55.65 13.13 -5.51
CA VAL D 292 -55.80 14.16 -6.53
C VAL D 292 -56.46 13.54 -7.75
N VAL D 293 -57.57 14.16 -8.17
CA VAL D 293 -58.28 13.68 -9.37
C VAL D 293 -57.34 13.82 -10.58
N PRO D 294 -57.26 12.83 -11.46
CA PRO D 294 -56.38 12.96 -12.61
C PRO D 294 -56.84 14.09 -13.50
N PRO D 295 -55.95 14.62 -14.33
CA PRO D 295 -56.39 15.64 -15.30
C PRO D 295 -57.35 15.06 -16.32
N PHE D 296 -57.11 13.81 -16.70
CA PHE D 296 -57.98 13.10 -17.64
C PHE D 296 -57.93 11.62 -17.32
N LYS D 297 -59.07 10.97 -17.55
CA LYS D 297 -59.16 9.53 -17.53
C LYS D 297 -59.12 9.02 -18.97
N PRO D 298 -58.35 7.98 -19.26
CA PRO D 298 -58.25 7.51 -20.64
C PRO D 298 -59.56 6.90 -21.11
N ASN D 299 -59.79 7.01 -22.41
CA ASN D 299 -61.07 6.71 -23.03
C ASN D 299 -60.93 5.42 -23.84
N ILE D 300 -61.81 4.46 -23.56
CA ILE D 300 -61.86 3.23 -24.33
C ILE D 300 -63.31 2.87 -24.61
N PHE D 304 -60.69 -3.98 -25.61
CA PHE D 304 -59.71 -3.79 -26.67
C PHE D 304 -58.92 -2.50 -26.44
N GLY D 305 -57.76 -2.61 -25.80
CA GLY D 305 -57.00 -1.41 -25.52
C GLY D 305 -56.24 -0.85 -26.71
N LEU D 306 -56.22 -1.58 -27.82
CA LEU D 306 -55.30 -1.33 -28.92
C LEU D 306 -55.48 0.06 -29.53
N ASP D 307 -56.62 0.70 -29.28
CA ASP D 307 -56.93 1.97 -29.93
C ASP D 307 -56.08 3.09 -29.36
N ASN D 308 -55.79 3.02 -28.05
CA ASN D 308 -55.02 4.07 -27.39
C ASN D 308 -53.53 3.81 -27.52
N PHE D 309 -53.13 2.56 -27.66
CA PHE D 309 -51.70 2.30 -27.79
C PHE D 309 -51.28 2.29 -29.24
N ASP D 310 -49.97 2.40 -29.43
CA ASP D 310 -49.41 2.51 -30.76
C ASP D 310 -49.73 1.26 -31.57
N SER D 311 -49.85 1.45 -32.88
CA SER D 311 -50.09 0.36 -33.82
C SER D 311 -48.86 0.11 -34.68
N GLN D 312 -47.68 0.44 -34.15
CA GLN D 312 -46.43 0.17 -34.87
C GLN D 312 -46.14 -1.33 -34.90
N PHE D 313 -46.46 -2.05 -33.83
CA PHE D 313 -46.22 -3.48 -33.81
C PHE D 313 -47.41 -4.23 -33.21
N GLU D 316 -46.37 -7.60 -35.40
CA GLU D 316 -45.85 -8.92 -35.74
C GLU D 316 -46.80 -9.98 -35.22
N PRO D 317 -46.95 -11.07 -35.99
CA PRO D 317 -47.71 -12.21 -35.48
C PRO D 317 -46.93 -12.94 -34.40
N VAL D 318 -47.65 -13.69 -33.58
CA VAL D 318 -47.04 -14.32 -32.40
C VAL D 318 -46.25 -15.53 -32.86
N GLN D 319 -45.03 -15.30 -33.35
CA GLN D 319 -44.25 -16.36 -33.98
C GLN D 319 -43.93 -17.46 -32.99
N LEU D 320 -43.73 -17.11 -31.71
CA LEU D 320 -43.28 -18.07 -30.71
C LEU D 320 -42.12 -18.86 -31.31
N PRO D 322 -39.32 -20.87 -33.02
CA PRO D 322 -38.82 -22.21 -32.76
C PRO D 322 -37.34 -22.21 -32.47
N ASP D 323 -36.90 -23.25 -31.78
CA ASP D 323 -35.62 -23.23 -31.09
C ASP D 323 -34.83 -24.49 -31.44
N ASP D 324 -33.62 -24.29 -31.95
CA ASP D 324 -32.80 -25.42 -32.35
C ASP D 324 -32.31 -26.16 -31.11
N ASP D 325 -32.57 -27.47 -31.06
CA ASP D 325 -32.22 -28.27 -29.90
C ASP D 325 -30.77 -28.07 -29.51
N ASP D 326 -29.87 -28.06 -30.49
CA ASP D 326 -28.44 -27.97 -30.20
C ASP D 326 -28.11 -26.72 -29.41
N ILE D 327 -28.77 -25.61 -29.75
CA ILE D 327 -28.50 -24.36 -29.04
C ILE D 327 -29.38 -24.23 -27.81
N VAL D 328 -30.53 -24.89 -27.79
CA VAL D 328 -31.41 -24.77 -26.63
C VAL D 328 -30.97 -25.73 -25.53
N ARG D 329 -30.38 -26.86 -25.91
CA ARG D 329 -29.91 -27.83 -24.91
C ARG D 329 -28.73 -27.28 -24.12
N LYS D 330 -28.18 -26.14 -24.54
CA LYS D 330 -26.95 -25.63 -23.93
C LYS D 330 -27.22 -24.94 -22.60
N ILE D 331 -28.43 -24.40 -22.42
CA ILE D 331 -28.73 -23.59 -21.25
C ILE D 331 -28.59 -24.43 -19.99
N ASP D 332 -28.09 -23.81 -18.93
CA ASP D 332 -28.00 -24.45 -17.63
C ASP D 332 -29.10 -23.90 -16.73
N GLN D 333 -30.07 -24.75 -16.42
CA GLN D 333 -31.19 -24.30 -15.60
C GLN D 333 -30.84 -24.23 -14.13
N SER D 334 -29.59 -24.56 -13.76
CA SER D 334 -29.15 -24.29 -12.39
C SER D 334 -29.20 -22.80 -12.11
N GLU D 335 -28.83 -21.98 -13.10
CA GLU D 335 -28.92 -20.53 -12.94
C GLU D 335 -30.37 -20.10 -12.75
N PHE D 336 -31.30 -20.72 -13.47
CA PHE D 336 -32.73 -20.47 -13.28
C PHE D 336 -33.23 -21.39 -12.18
N GLU D 337 -32.91 -21.02 -10.94
CA GLU D 337 -33.27 -21.82 -9.79
C GLU D 337 -34.29 -21.07 -8.93
N GLY D 338 -35.26 -21.82 -8.42
CA GLY D 338 -36.28 -21.27 -7.55
C GLY D 338 -36.93 -20.01 -8.06
N PHE D 339 -37.54 -20.08 -9.25
CA PHE D 339 -38.21 -18.92 -9.84
C PHE D 339 -39.61 -18.78 -9.25
N GLU D 340 -39.62 -18.47 -7.96
CA GLU D 340 -40.84 -18.37 -7.16
C GLU D 340 -40.90 -16.98 -6.54
N TYR D 341 -41.89 -16.19 -6.97
CA TYR D 341 -42.00 -14.82 -6.48
C TYR D 341 -42.22 -14.80 -4.98
N ILE D 342 -41.63 -13.80 -4.32
CA ILE D 342 -41.67 -13.74 -2.86
C ILE D 342 -41.35 -12.32 -2.41
N ASN D 343 -41.66 -12.03 -1.15
CA ASN D 343 -41.24 -10.79 -0.48
C ASN D 343 -41.55 -9.53 -1.28
N PRO D 344 -42.84 -9.23 -1.53
CA PRO D 344 -43.13 -8.02 -2.29
C PRO D 344 -43.37 -6.81 -1.39
#